data_1D1C
#
_entry.id   1D1C
#
_cell.length_a   103.9
_cell.length_b   180.9
_cell.length_c   54.1
_cell.angle_alpha   90.0
_cell.angle_beta   90.0
_cell.angle_gamma   90.0
#
_symmetry.space_group_name_H-M   'P 21 21 2'
#
loop_
_entity.id
_entity.type
_entity.pdbx_description
1 polymer MYOSIN
2 non-polymer 'MAGNESIUM ION'
3 non-polymer 'N-METHYL O-NITROPHENYL AMINOETHYLDIPHOSPHATE BERYLLIUM TRIFLUORIDE'
4 water water
#
_entity_poly.entity_id   1
_entity_poly.type   'polypeptide(L)'
_entity_poly.pdbx_seq_one_letter_code
;MNPIHDRTSDYHKYLKVKQGDSDLFKLTVSDKRYIWYNPDPKERDSYECGEIVSETSDSFTFKTVDGQDRQVKKDDANQR
NPIKFDGVEDMSELSYLNEPAVFHNLRVRYNQDLIYTYSGLFLVAVNPFKRIPIYTQEMVDIFKGRRRNEVAPHIFAISD
VAYRSMLDDRQNQSLLITGESGAGKTENTKKVIQYLASVAGRNQANGSGVLEQQILQANPILEAFGNAKTTRNNNSSRFG
KFIEIQFNNAGFISGASIQSYLLEKSRVVFQSETERNYHIFYQLLAGATAEEKKALHLAGPESFNYLNQSGCVDIKGVSD
SEEFKITRQAMDIVGFSQEEQMSIFKIIAGILHLGNIKFEKGAGEGAVLKDKTALNAASTVFGVNPSVLEKALMEPRILA
GRDLVAQHLNVEKSSSSRDALVKALYGRLFLWLVKKINNVLCQERKAYFIGVLDISGFEIFKVNSFEQLCINYTNEKLQQ
FFNHHMFKLEQEEYLKEKINWTFIDFGLDSQATIDLIDGRQPPGILALLDEQSVFPNATDNTLITKLHSHFSKKNAKYEE
PRFSKTEFGVTHYAGQVMYEIQDWLEKNKDPLQQDLELCFKDSSDNVVTKLFNDPNIASRAKKGANFITVAAQYKEQLAS
LMATLETTNPHFVRCIIPNNKQLPAKLEDKVVLDQLRCNGVLEGIRITRKGFPNRIIYADFVKRYYLLAPNVPRDAEDSQ
KATDAVLKHLNIDPEQYRFGITKIFFRAGQLARIEEAREPN
;
_entity_poly.pdbx_strand_id   A
#
loop_
_chem_comp.id
_chem_comp.type
_chem_comp.name
_chem_comp.formula
MG non-polymer 'MAGNESIUM ION' 'Mg 2'
NMQ non-polymer 'N-METHYL O-NITROPHENYL AMINOETHYLDIPHOSPHATE BERYLLIUM TRIFLUORIDE' 'C9 H13 Be F3 N2 O9 P2 -1'
#
# COMPACT_ATOMS: atom_id res chain seq x y z
N ASN A 2 -19.74 6.39 -28.52
CA ASN A 2 -19.65 6.52 -27.08
C ASN A 2 -19.81 5.18 -26.37
N PRO A 3 -18.71 4.44 -26.30
CA PRO A 3 -18.69 3.14 -25.67
C PRO A 3 -19.51 3.04 -24.40
N ILE A 4 -19.84 4.19 -23.79
CA ILE A 4 -20.61 4.24 -22.54
C ILE A 4 -22.06 3.93 -22.81
N HIS A 5 -22.44 4.21 -24.05
CA HIS A 5 -23.77 4.02 -24.53
C HIS A 5 -23.86 2.86 -25.51
N ASP A 6 -22.67 2.39 -25.91
CA ASP A 6 -22.54 1.26 -26.80
C ASP A 6 -22.36 -0.06 -26.02
N ARG A 7 -23.46 -0.78 -25.83
CA ARG A 7 -23.44 -2.03 -25.08
C ARG A 7 -22.58 -3.15 -25.65
N THR A 8 -21.95 -2.90 -26.78
CA THR A 8 -21.08 -3.91 -27.42
C THR A 8 -19.61 -3.55 -27.24
N SER A 9 -19.33 -2.36 -26.73
CA SER A 9 -17.96 -1.98 -26.53
C SER A 9 -17.27 -2.78 -25.42
N ASP A 10 -15.94 -2.74 -25.46
CA ASP A 10 -15.09 -3.36 -24.47
C ASP A 10 -15.32 -2.69 -23.09
N TYR A 11 -15.84 -1.46 -23.13
CA TYR A 11 -16.13 -0.72 -21.92
C TYR A 11 -17.24 -1.48 -21.17
N HIS A 12 -18.28 -1.80 -21.90
CA HIS A 12 -19.39 -2.51 -21.34
C HIS A 12 -18.98 -3.90 -20.90
N LYS A 13 -18.25 -4.54 -21.79
CA LYS A 13 -17.81 -5.89 -21.61
C LYS A 13 -16.92 -6.08 -20.40
N TYR A 14 -15.98 -5.16 -20.19
CA TYR A 14 -15.08 -5.38 -19.09
C TYR A 14 -15.33 -4.61 -17.82
N LEU A 15 -16.14 -3.56 -17.87
CA LEU A 15 -16.30 -2.75 -16.70
C LEU A 15 -17.70 -2.65 -16.12
N LYS A 16 -18.65 -3.23 -16.83
CA LYS A 16 -20.03 -3.13 -16.42
C LYS A 16 -20.74 -4.43 -16.26
N VAL A 17 -21.75 -4.46 -15.37
CA VAL A 17 -22.56 -5.65 -15.32
C VAL A 17 -23.35 -5.62 -16.61
N LYS A 18 -23.34 -6.74 -17.35
CA LYS A 18 -24.03 -6.78 -18.61
C LYS A 18 -25.53 -6.50 -18.49
N GLN A 19 -26.06 -5.65 -19.37
CA GLN A 19 -27.47 -5.29 -19.32
C GLN A 19 -28.30 -5.95 -20.42
N GLY A 20 -29.45 -6.47 -20.03
CA GLY A 20 -30.37 -7.09 -20.95
C GLY A 20 -31.26 -6.05 -21.60
N ASP A 21 -32.36 -6.50 -22.19
CA ASP A 21 -33.32 -5.66 -22.88
C ASP A 21 -34.14 -4.76 -21.95
N SER A 22 -34.92 -5.41 -21.10
CA SER A 22 -35.80 -4.78 -20.12
C SER A 22 -35.07 -4.37 -18.87
N ASP A 23 -35.66 -3.40 -18.15
CA ASP A 23 -35.13 -2.92 -16.87
C ASP A 23 -36.22 -2.97 -15.81
N LEU A 24 -37.39 -3.40 -16.28
CA LEU A 24 -38.58 -3.51 -15.47
C LEU A 24 -38.36 -4.17 -14.12
N PHE A 25 -38.94 -3.53 -13.12
CA PHE A 25 -38.90 -3.96 -11.73
C PHE A 25 -39.35 -5.42 -11.62
N LYS A 26 -40.41 -5.71 -12.38
CA LYS A 26 -41.09 -6.99 -12.43
C LYS A 26 -40.17 -8.21 -12.45
N LEU A 27 -39.18 -8.14 -13.35
CA LEU A 27 -38.20 -9.18 -13.64
C LEU A 27 -37.58 -9.89 -12.44
N THR A 28 -37.07 -9.07 -11.51
CA THR A 28 -36.39 -9.54 -10.32
C THR A 28 -37.33 -9.88 -9.21
N VAL A 29 -38.63 -9.94 -9.51
CA VAL A 29 -39.59 -10.26 -8.48
C VAL A 29 -39.42 -11.71 -8.01
N SER A 30 -39.65 -11.92 -6.69
CA SER A 30 -39.57 -13.22 -6.05
C SER A 30 -40.10 -13.17 -4.63
N ASP A 31 -40.66 -14.28 -4.20
CA ASP A 31 -41.21 -14.42 -2.88
C ASP A 31 -40.19 -14.85 -1.80
N LYS A 32 -39.08 -15.47 -2.22
CA LYS A 32 -38.02 -15.94 -1.31
C LYS A 32 -37.22 -14.84 -0.63
N ARG A 33 -36.95 -15.04 0.64
CA ARG A 33 -36.20 -14.13 1.47
C ARG A 33 -35.04 -14.88 2.07
N TYR A 34 -33.85 -14.37 1.92
CA TYR A 34 -32.70 -15.10 2.36
C TYR A 34 -31.87 -14.46 3.48
N ILE A 35 -30.96 -15.26 3.99
CA ILE A 35 -30.08 -14.86 5.07
C ILE A 35 -28.67 -15.40 4.94
N TRP A 36 -27.74 -14.65 5.50
CA TRP A 36 -26.37 -15.09 5.44
C TRP A 36 -25.98 -15.75 6.75
N TYR A 37 -25.53 -17.00 6.67
CA TYR A 37 -25.15 -17.75 7.86
C TYR A 37 -23.81 -18.46 7.71
N ASN A 38 -23.23 -18.83 8.85
CA ASN A 38 -21.99 -19.57 8.92
C ASN A 38 -22.27 -21.05 9.04
N PRO A 39 -21.97 -21.82 7.99
CA PRO A 39 -22.23 -23.25 7.95
C PRO A 39 -21.76 -23.96 9.19
N ASP A 40 -21.04 -23.20 9.98
CA ASP A 40 -20.53 -23.60 11.26
C ASP A 40 -19.52 -22.59 11.78
N PRO A 41 -19.66 -22.25 13.06
CA PRO A 41 -18.79 -21.24 13.62
C PRO A 41 -17.36 -21.67 13.73
N LYS A 42 -17.08 -22.89 13.26
CA LYS A 42 -15.70 -23.37 13.24
C LYS A 42 -14.94 -22.39 12.35
N GLU A 43 -15.70 -21.82 11.41
CA GLU A 43 -15.21 -20.82 10.50
C GLU A 43 -15.61 -19.46 11.06
N ARG A 44 -16.52 -18.79 10.34
CA ARG A 44 -17.10 -17.51 10.65
C ARG A 44 -17.21 -16.63 9.40
N ASP A 45 -16.24 -16.75 8.47
CA ASP A 45 -16.26 -15.97 7.23
C ASP A 45 -16.80 -16.75 6.10
N SER A 46 -17.02 -17.99 6.42
CA SER A 46 -17.62 -18.81 5.46
C SER A 46 -19.08 -18.70 5.78
N TYR A 47 -19.82 -18.30 4.78
CA TYR A 47 -21.22 -18.15 4.95
C TYR A 47 -21.91 -18.86 3.85
N GLU A 48 -23.16 -19.06 4.11
CA GLU A 48 -23.99 -19.70 3.14
C GLU A 48 -25.31 -19.00 3.18
N CYS A 49 -26.02 -19.10 2.07
CA CYS A 49 -27.31 -18.48 1.95
C CYS A 49 -28.38 -19.41 2.51
N GLY A 50 -29.09 -18.94 3.51
CA GLY A 50 -30.13 -19.75 4.05
C GLY A 50 -31.43 -19.05 3.79
N GLU A 51 -32.44 -19.76 3.27
CA GLU A 51 -33.73 -19.14 3.02
C GLU A 51 -34.60 -19.19 4.26
N ILE A 52 -35.17 -18.01 4.61
CA ILE A 52 -36.07 -17.87 5.73
C ILE A 52 -37.36 -18.61 5.41
N VAL A 53 -37.61 -19.68 6.15
CA VAL A 53 -38.78 -20.52 5.96
C VAL A 53 -39.96 -20.09 6.85
N SER A 54 -39.61 -19.30 7.86
CA SER A 54 -40.56 -18.79 8.80
C SER A 54 -39.87 -17.88 9.76
N GLU A 55 -40.68 -17.22 10.54
CA GLU A 55 -40.15 -16.30 11.50
C GLU A 55 -41.10 -16.12 12.65
N THR A 56 -40.53 -15.66 13.74
CA THR A 56 -41.30 -15.32 14.90
C THR A 56 -41.21 -13.83 15.08
N SER A 57 -41.85 -13.33 16.11
CA SER A 57 -41.88 -11.92 16.39
C SER A 57 -40.52 -11.40 16.83
N ASP A 58 -39.60 -12.34 17.05
CA ASP A 58 -38.27 -12.01 17.53
C ASP A 58 -37.12 -12.67 16.77
N SER A 59 -37.41 -13.71 15.98
CA SER A 59 -36.33 -14.38 15.29
C SER A 59 -36.74 -15.07 13.99
N PHE A 60 -35.75 -15.57 13.25
CA PHE A 60 -36.00 -16.28 12.01
C PHE A 60 -35.62 -17.73 12.04
N THR A 61 -36.37 -18.49 11.29
CA THR A 61 -36.12 -19.88 11.10
C THR A 61 -35.84 -20.05 9.62
N PHE A 62 -34.71 -20.67 9.27
CA PHE A 62 -34.34 -20.85 7.88
C PHE A 62 -33.64 -22.17 7.61
N LYS A 63 -33.82 -22.69 6.42
CA LYS A 63 -33.17 -23.94 6.13
C LYS A 63 -31.74 -23.71 5.62
N THR A 64 -30.88 -24.66 5.85
CA THR A 64 -29.53 -24.57 5.38
C THR A 64 -29.45 -25.18 3.97
N VAL A 65 -28.23 -25.20 3.42
CA VAL A 65 -27.98 -25.85 2.16
C VAL A 65 -28.41 -27.32 2.19
N ASP A 66 -28.00 -27.98 3.29
CA ASP A 66 -28.31 -29.40 3.53
C ASP A 66 -29.79 -29.64 3.71
N GLY A 67 -30.51 -28.57 4.04
CA GLY A 67 -31.94 -28.65 4.25
C GLY A 67 -32.21 -28.79 5.75
N GLN A 68 -31.21 -28.37 6.51
CA GLN A 68 -31.27 -28.40 7.96
C GLN A 68 -31.85 -27.09 8.45
N ASP A 69 -32.89 -27.15 9.27
CA ASP A 69 -33.54 -25.95 9.78
C ASP A 69 -32.91 -25.40 11.05
N ARG A 70 -32.45 -24.14 10.99
CA ARG A 70 -31.89 -23.45 12.15
C ARG A 70 -32.68 -22.20 12.43
N GLN A 71 -32.31 -21.54 13.51
CA GLN A 71 -33.01 -20.37 13.91
C GLN A 71 -32.09 -19.30 14.36
N VAL A 72 -32.52 -18.09 14.09
CA VAL A 72 -31.71 -16.95 14.41
C VAL A 72 -32.55 -15.81 14.90
N LYS A 73 -31.92 -15.01 15.70
CA LYS A 73 -32.51 -13.84 16.20
C LYS A 73 -32.53 -12.89 15.03
N LYS A 74 -33.61 -12.14 14.94
CA LYS A 74 -33.76 -11.16 13.91
C LYS A 74 -32.67 -10.12 14.06
N ASP A 75 -32.36 -9.84 15.30
CA ASP A 75 -31.36 -8.86 15.62
C ASP A 75 -29.93 -9.30 15.40
N ASP A 76 -29.77 -10.57 15.10
CA ASP A 76 -28.46 -11.12 14.83
C ASP A 76 -28.41 -11.64 13.43
N ALA A 77 -29.44 -11.32 12.66
CA ALA A 77 -29.50 -11.83 11.33
C ALA A 77 -28.85 -10.92 10.31
N ASN A 78 -28.09 -11.59 9.45
CA ASN A 78 -27.42 -10.98 8.34
C ASN A 78 -28.30 -11.22 7.13
N GLN A 79 -29.32 -10.39 6.96
CA GLN A 79 -30.20 -10.57 5.83
C GLN A 79 -29.52 -10.30 4.50
N ARG A 80 -29.99 -11.01 3.49
CA ARG A 80 -29.43 -10.89 2.18
C ARG A 80 -30.16 -9.85 1.37
N ASN A 81 -29.40 -9.01 0.70
CA ASN A 81 -30.03 -8.02 -0.14
C ASN A 81 -30.76 -8.65 -1.32
N PRO A 82 -31.85 -8.05 -1.74
CA PRO A 82 -32.60 -8.47 -2.90
C PRO A 82 -31.68 -8.50 -4.10
N ILE A 83 -31.87 -9.52 -4.93
CA ILE A 83 -31.06 -9.74 -6.14
C ILE A 83 -30.75 -8.51 -6.97
N LYS A 84 -31.66 -7.56 -6.98
CA LYS A 84 -31.39 -6.34 -7.76
C LYS A 84 -30.06 -5.69 -7.32
N PHE A 85 -29.80 -5.78 -6.03
CA PHE A 85 -28.60 -5.18 -5.51
C PHE A 85 -27.35 -5.97 -5.86
N ASP A 86 -27.52 -7.15 -6.47
CA ASP A 86 -26.35 -7.95 -6.80
C ASP A 86 -25.56 -7.35 -7.94
N GLY A 87 -24.42 -6.78 -7.59
CA GLY A 87 -23.49 -6.21 -8.56
C GLY A 87 -23.36 -4.69 -8.52
N VAL A 88 -24.09 -4.01 -7.63
CA VAL A 88 -24.02 -2.54 -7.62
C VAL A 88 -22.59 -2.06 -7.50
N GLU A 89 -22.34 -0.94 -8.18
CA GLU A 89 -21.05 -0.32 -8.26
C GLU A 89 -20.63 0.39 -6.98
N ASP A 90 -21.59 0.60 -6.07
CA ASP A 90 -21.26 1.25 -4.80
C ASP A 90 -21.84 0.52 -3.63
N MET A 91 -20.94 0.08 -2.74
CA MET A 91 -21.39 -0.69 -1.59
C MET A 91 -22.43 0.10 -0.80
N SER A 92 -22.33 1.44 -0.89
CA SER A 92 -23.22 2.38 -0.20
C SER A 92 -24.67 2.32 -0.65
N GLU A 93 -24.84 1.59 -1.77
CA GLU A 93 -26.11 1.35 -2.42
C GLU A 93 -26.86 0.16 -1.86
N LEU A 94 -26.18 -0.64 -1.03
CA LEU A 94 -26.85 -1.77 -0.47
C LEU A 94 -27.72 -1.35 0.69
N SER A 95 -28.91 -1.99 0.84
CA SER A 95 -29.78 -1.73 1.99
C SER A 95 -29.28 -2.42 3.25
N TYR A 96 -29.14 -3.75 3.22
CA TYR A 96 -28.59 -4.52 4.34
C TYR A 96 -27.07 -4.44 4.22
N LEU A 97 -26.38 -3.81 5.19
CA LEU A 97 -24.95 -3.61 5.10
C LEU A 97 -24.05 -4.45 6.01
N ASN A 98 -24.41 -5.69 6.20
CA ASN A 98 -23.59 -6.54 7.02
C ASN A 98 -22.42 -7.09 6.19
N GLU A 99 -21.44 -7.60 6.90
CA GLU A 99 -20.24 -8.17 6.33
C GLU A 99 -20.41 -9.17 5.18
N PRO A 100 -21.23 -10.21 5.39
CA PRO A 100 -21.45 -11.22 4.35
C PRO A 100 -22.04 -10.57 3.12
N ALA A 101 -22.91 -9.60 3.38
CA ALA A 101 -23.58 -8.92 2.30
C ALA A 101 -22.55 -8.19 1.47
N VAL A 102 -21.70 -7.52 2.20
CA VAL A 102 -20.66 -6.77 1.58
C VAL A 102 -19.72 -7.65 0.80
N PHE A 103 -19.39 -8.81 1.34
CA PHE A 103 -18.48 -9.68 0.62
C PHE A 103 -19.13 -10.20 -0.64
N HIS A 104 -20.43 -10.46 -0.52
CA HIS A 104 -21.23 -11.00 -1.61
C HIS A 104 -21.18 -10.13 -2.88
N ASN A 105 -21.42 -8.84 -2.68
CA ASN A 105 -21.42 -7.82 -3.71
C ASN A 105 -20.07 -7.72 -4.35
N LEU A 106 -19.06 -7.90 -3.53
CA LEU A 106 -17.72 -7.86 -4.02
C LEU A 106 -17.45 -9.06 -4.89
N ARG A 107 -17.98 -10.18 -4.44
CA ARG A 107 -17.81 -11.49 -5.10
C ARG A 107 -18.53 -11.58 -6.45
N VAL A 108 -19.79 -11.21 -6.41
CA VAL A 108 -20.59 -11.16 -7.61
C VAL A 108 -19.86 -10.38 -8.70
N ARG A 109 -19.44 -9.18 -8.35
CA ARG A 109 -18.66 -8.37 -9.28
C ARG A 109 -17.38 -9.07 -9.73
N TYR A 110 -16.66 -9.62 -8.78
CA TYR A 110 -15.37 -10.27 -9.09
C TYR A 110 -15.60 -11.48 -9.97
N ASN A 111 -16.77 -12.10 -9.87
CA ASN A 111 -17.06 -13.25 -10.73
C ASN A 111 -17.34 -12.83 -12.18
N GLN A 112 -17.34 -11.52 -12.41
CA GLN A 112 -17.56 -10.94 -13.70
C GLN A 112 -16.34 -10.17 -14.08
N ASP A 113 -15.27 -10.50 -13.37
CA ASP A 113 -13.99 -9.84 -13.55
C ASP A 113 -14.11 -8.35 -13.33
N LEU A 114 -15.06 -7.98 -12.49
CA LEU A 114 -15.21 -6.56 -12.22
C LEU A 114 -14.43 -6.32 -10.96
N ILE A 115 -13.11 -6.07 -11.11
CA ILE A 115 -12.21 -5.86 -9.99
C ILE A 115 -12.36 -4.55 -9.19
N TYR A 116 -13.04 -3.56 -9.72
CA TYR A 116 -13.21 -2.33 -8.98
C TYR A 116 -14.62 -2.07 -8.50
N THR A 117 -14.72 -1.62 -7.24
CA THR A 117 -15.98 -1.32 -6.61
C THR A 117 -15.80 -0.20 -5.62
N TYR A 118 -16.77 0.72 -5.52
CA TYR A 118 -16.70 1.76 -4.52
C TYR A 118 -17.30 1.27 -3.24
N SER A 119 -16.90 1.90 -2.19
CA SER A 119 -17.45 1.70 -0.88
C SER A 119 -17.49 3.05 -0.24
N GLY A 120 -18.50 3.81 -0.57
CA GLY A 120 -18.58 5.16 -0.04
C GLY A 120 -17.44 5.93 -0.61
N LEU A 121 -16.63 6.44 0.29
CA LEU A 121 -15.46 7.19 -0.08
C LEU A 121 -14.36 6.32 -0.65
N PHE A 122 -14.42 5.04 -0.41
CA PHE A 122 -13.36 4.22 -0.95
C PHE A 122 -13.60 3.61 -2.34
N LEU A 123 -12.47 3.39 -3.02
CA LEU A 123 -12.43 2.61 -4.22
C LEU A 123 -11.80 1.28 -3.77
N VAL A 124 -12.50 0.20 -3.92
CA VAL A 124 -11.89 -1.04 -3.53
C VAL A 124 -11.35 -1.72 -4.81
N ALA A 125 -10.14 -2.19 -4.75
CA ALA A 125 -9.63 -2.85 -5.94
C ALA A 125 -9.11 -4.25 -5.60
N VAL A 126 -9.70 -5.27 -6.21
CA VAL A 126 -9.25 -6.65 -5.99
C VAL A 126 -8.38 -7.20 -7.12
N ASN A 127 -7.24 -7.73 -6.76
CA ASN A 127 -6.34 -8.22 -7.79
C ASN A 127 -6.95 -9.40 -8.51
N PRO A 128 -7.06 -9.27 -9.81
CA PRO A 128 -7.63 -10.33 -10.60
C PRO A 128 -6.65 -11.48 -10.74
N PHE A 129 -5.34 -11.18 -10.76
CA PHE A 129 -4.30 -12.19 -10.94
C PHE A 129 -4.31 -12.73 -12.35
N LYS A 130 -4.64 -11.87 -13.30
CA LYS A 130 -4.65 -12.16 -14.72
C LYS A 130 -4.82 -10.85 -15.39
N ARG A 131 -4.79 -10.84 -16.73
CA ARG A 131 -4.92 -9.61 -17.45
C ARG A 131 -6.35 -9.27 -17.88
N ILE A 132 -6.63 -8.00 -17.72
CA ILE A 132 -7.87 -7.32 -18.04
C ILE A 132 -7.52 -6.07 -18.83
N PRO A 133 -7.76 -6.07 -20.13
CA PRO A 133 -7.42 -4.95 -20.99
C PRO A 133 -8.31 -3.71 -20.78
N ILE A 134 -8.22 -3.10 -19.62
CA ILE A 134 -9.03 -1.94 -19.33
C ILE A 134 -8.15 -0.70 -19.10
N TYR A 135 -6.93 -0.81 -19.57
CA TYR A 135 -5.99 0.24 -19.35
C TYR A 135 -5.41 0.78 -20.63
N THR A 136 -6.15 0.63 -21.70
CA THR A 136 -5.73 1.14 -23.00
C THR A 136 -5.89 2.65 -23.07
N GLN A 137 -5.30 3.23 -24.10
CA GLN A 137 -5.50 4.65 -24.31
C GLN A 137 -6.98 4.93 -24.52
N GLU A 138 -7.60 3.97 -25.21
CA GLU A 138 -9.00 4.03 -25.53
C GLU A 138 -9.82 4.13 -24.29
N MET A 139 -9.42 3.29 -23.34
CA MET A 139 -10.01 3.23 -22.00
C MET A 139 -9.79 4.55 -21.31
N VAL A 140 -8.57 5.05 -21.41
CA VAL A 140 -8.22 6.33 -20.81
C VAL A 140 -9.20 7.42 -21.23
N ASP A 141 -9.46 7.47 -22.55
CA ASP A 141 -10.33 8.44 -23.22
C ASP A 141 -11.77 8.48 -22.74
N ILE A 142 -12.31 7.34 -22.37
CA ILE A 142 -13.67 7.28 -21.84
C ILE A 142 -13.80 7.96 -20.47
N PHE A 143 -12.73 7.94 -19.64
CA PHE A 143 -12.88 8.52 -18.31
C PHE A 143 -12.77 10.03 -18.22
N LYS A 144 -12.39 10.65 -19.30
CA LYS A 144 -12.19 12.10 -19.31
C LYS A 144 -13.38 12.94 -18.96
N GLY A 145 -13.21 13.70 -17.91
CA GLY A 145 -14.22 14.62 -17.45
C GLY A 145 -15.50 14.02 -16.94
N ARG A 146 -15.53 12.68 -16.80
CA ARG A 146 -16.76 12.04 -16.31
C ARG A 146 -16.81 11.99 -14.82
N ARG A 147 -18.01 12.24 -14.31
CA ARG A 147 -18.31 12.16 -12.92
C ARG A 147 -18.27 10.70 -12.52
N ARG A 148 -18.02 10.50 -11.22
CA ARG A 148 -17.92 9.19 -10.57
C ARG A 148 -19.13 8.32 -10.83
N ASN A 149 -20.28 8.98 -10.82
CA ASN A 149 -21.62 8.44 -11.01
C ASN A 149 -21.91 8.28 -12.49
N GLU A 150 -21.04 8.86 -13.32
CA GLU A 150 -21.30 8.72 -14.72
C GLU A 150 -20.59 7.53 -15.32
N VAL A 151 -19.53 7.09 -14.69
CA VAL A 151 -18.82 5.96 -15.27
C VAL A 151 -18.60 4.83 -14.27
N ALA A 152 -18.33 3.64 -14.82
CA ALA A 152 -18.03 2.44 -14.05
C ALA A 152 -16.95 2.76 -13.03
N PRO A 153 -16.76 1.93 -12.02
CA PRO A 153 -15.67 2.14 -11.08
C PRO A 153 -14.35 1.79 -11.79
N HIS A 154 -13.32 2.60 -11.59
CA HIS A 154 -12.04 2.39 -12.24
C HIS A 154 -10.99 3.32 -11.58
N ILE A 155 -9.74 2.89 -11.54
CA ILE A 155 -8.65 3.74 -11.03
C ILE A 155 -8.59 5.08 -11.82
N PHE A 156 -8.97 4.97 -13.10
CA PHE A 156 -9.01 6.11 -13.99
C PHE A 156 -10.09 7.05 -13.57
N ALA A 157 -11.15 6.52 -13.00
CA ALA A 157 -12.20 7.41 -12.62
C ALA A 157 -11.76 8.28 -11.47
N ILE A 158 -11.25 7.67 -10.41
CA ILE A 158 -10.84 8.51 -9.29
C ILE A 158 -9.68 9.44 -9.65
N SER A 159 -8.88 9.02 -10.59
CA SER A 159 -7.80 9.87 -11.11
C SER A 159 -8.38 11.09 -11.82
N ASP A 160 -9.49 10.86 -12.56
CA ASP A 160 -10.08 11.98 -13.25
C ASP A 160 -10.73 12.91 -12.26
N VAL A 161 -11.34 12.32 -11.26
CA VAL A 161 -11.99 13.12 -10.22
C VAL A 161 -11.01 14.01 -9.46
N ALA A 162 -9.83 13.48 -9.18
CA ALA A 162 -8.81 14.27 -8.48
C ALA A 162 -8.26 15.39 -9.37
N TYR A 163 -8.12 15.08 -10.63
CA TYR A 163 -7.63 16.06 -11.57
C TYR A 163 -8.59 17.25 -11.70
N ARG A 164 -9.89 16.97 -11.84
CA ARG A 164 -10.93 17.99 -11.94
C ARG A 164 -11.05 18.79 -10.67
N SER A 165 -10.96 18.13 -9.53
CA SER A 165 -11.07 18.84 -8.31
C SER A 165 -9.87 19.76 -8.22
N MET A 166 -8.74 19.24 -8.59
CA MET A 166 -7.58 20.11 -8.53
C MET A 166 -7.77 21.44 -9.28
N LEU A 167 -8.29 21.35 -10.52
CA LEU A 167 -8.59 22.49 -11.44
C LEU A 167 -9.79 23.34 -10.97
N ASP A 168 -10.85 22.68 -10.47
CA ASP A 168 -12.04 23.37 -10.05
C ASP A 168 -11.93 24.04 -8.69
N ASP A 169 -11.18 23.43 -7.80
CA ASP A 169 -11.04 23.92 -6.45
C ASP A 169 -9.74 24.61 -6.23
N ARG A 170 -8.83 24.42 -7.14
CA ARG A 170 -7.52 25.03 -6.97
C ARG A 170 -6.92 24.58 -5.64
N GLN A 171 -7.04 23.29 -5.38
CA GLN A 171 -6.57 22.65 -4.16
C GLN A 171 -5.80 21.42 -4.54
N ASN A 172 -4.65 21.24 -3.91
CA ASN A 172 -3.83 20.07 -4.13
C ASN A 172 -4.59 18.80 -3.79
N GLN A 173 -4.15 17.68 -4.36
CA GLN A 173 -4.92 16.47 -4.17
C GLN A 173 -4.03 15.37 -3.75
N SER A 174 -4.64 14.31 -3.16
CA SER A 174 -3.92 13.09 -2.80
C SER A 174 -4.74 11.80 -3.01
N LEU A 175 -4.00 10.76 -3.41
CA LEU A 175 -4.45 9.40 -3.62
C LEU A 175 -3.58 8.49 -2.80
N LEU A 176 -4.21 7.86 -1.84
CA LEU A 176 -3.57 6.92 -0.98
C LEU A 176 -3.97 5.54 -1.43
N ILE A 177 -2.99 4.76 -1.85
CA ILE A 177 -3.23 3.43 -2.36
C ILE A 177 -2.46 2.50 -1.48
N THR A 178 -3.18 1.74 -0.64
CA THR A 178 -2.53 0.86 0.29
C THR A 178 -3.14 -0.51 0.28
N GLY A 179 -2.48 -1.42 0.95
CA GLY A 179 -2.89 -2.78 1.06
C GLY A 179 -1.70 -3.71 1.04
N GLU A 180 -2.03 -4.98 1.16
CA GLU A 180 -1.09 -6.10 1.21
C GLU A 180 -0.21 -6.30 0.00
N SER A 181 0.91 -6.93 0.28
CA SER A 181 1.87 -7.21 -0.74
C SER A 181 1.25 -8.02 -1.84
N GLY A 182 1.41 -7.55 -3.06
CA GLY A 182 0.84 -8.25 -4.18
C GLY A 182 -0.59 -7.86 -4.47
N ALA A 183 -1.15 -6.96 -3.63
CA ALA A 183 -2.52 -6.44 -3.73
C ALA A 183 -2.78 -5.68 -5.04
N GLY A 184 -1.72 -5.01 -5.58
CA GLY A 184 -1.76 -4.26 -6.85
C GLY A 184 -1.61 -2.73 -6.69
N LYS A 185 -1.04 -2.26 -5.56
CA LYS A 185 -0.82 -0.83 -5.26
C LYS A 185 -0.02 -0.10 -6.31
N THR A 186 1.11 -0.71 -6.66
CA THR A 186 2.06 -0.18 -7.61
C THR A 186 1.48 -0.15 -9.02
N GLU A 187 0.88 -1.24 -9.41
CA GLU A 187 0.23 -1.29 -10.70
C GLU A 187 -0.79 -0.14 -10.78
N ASN A 188 -1.63 -0.02 -9.77
CA ASN A 188 -2.59 1.05 -9.78
C ASN A 188 -1.94 2.42 -9.73
N THR A 189 -0.84 2.50 -9.02
CA THR A 189 -0.14 3.75 -8.96
C THR A 189 0.40 4.10 -10.38
N LYS A 190 0.85 3.10 -11.13
CA LYS A 190 1.36 3.38 -12.45
C LYS A 190 0.25 3.83 -13.39
N LYS A 191 -0.98 3.35 -13.15
CA LYS A 191 -2.15 3.71 -13.98
C LYS A 191 -2.53 5.16 -13.74
N VAL A 192 -2.46 5.52 -12.47
CA VAL A 192 -2.75 6.88 -12.08
C VAL A 192 -1.83 7.83 -12.81
N ILE A 193 -0.59 7.47 -12.87
CA ILE A 193 0.33 8.36 -13.51
C ILE A 193 0.15 8.38 -15.03
N GLN A 194 -0.18 7.22 -15.57
CA GLN A 194 -0.34 7.09 -16.98
C GLN A 194 -1.56 7.90 -17.35
N TYR A 195 -2.58 7.82 -16.53
CA TYR A 195 -3.75 8.60 -16.86
C TYR A 195 -3.43 10.11 -16.82
N LEU A 196 -2.87 10.57 -15.73
CA LEU A 196 -2.58 11.99 -15.60
C LEU A 196 -1.70 12.43 -16.76
N ALA A 197 -0.68 11.62 -17.03
CA ALA A 197 0.23 12.00 -18.10
C ALA A 197 -0.53 12.19 -19.40
N SER A 198 -1.62 11.49 -19.54
CA SER A 198 -2.38 11.67 -20.73
C SER A 198 -3.32 12.85 -20.65
N VAL A 199 -4.17 12.90 -19.65
CA VAL A 199 -5.14 13.99 -19.65
C VAL A 199 -4.56 15.36 -19.42
N ALA A 200 -3.26 15.44 -19.05
CA ALA A 200 -2.64 16.71 -18.71
C ALA A 200 -1.29 16.89 -19.33
N GLY A 201 -0.90 15.95 -20.15
CA GLY A 201 0.41 16.06 -20.73
C GLY A 201 0.38 16.97 -21.92
N ARG A 202 1.49 17.64 -22.16
CA ARG A 202 1.56 18.54 -23.30
C ARG A 202 1.83 17.77 -24.58
N ASN A 203 0.70 17.50 -25.24
CA ASN A 203 0.56 16.72 -26.44
C ASN A 203 1.61 16.93 -27.50
N GLN A 204 1.09 16.95 -28.74
CA GLN A 204 1.88 17.05 -29.94
C GLN A 204 2.37 15.64 -30.20
N ALA A 205 3.24 15.23 -29.27
CA ALA A 205 3.85 13.93 -29.20
C ALA A 205 3.76 13.45 -27.75
N GLY A 209 5.79 13.32 -25.68
CA GLY A 209 6.20 14.25 -24.63
C GLY A 209 7.54 13.87 -24.00
N VAL A 210 8.31 14.87 -23.50
CA VAL A 210 9.63 14.66 -22.89
C VAL A 210 9.64 14.60 -21.35
N LEU A 211 9.17 15.67 -20.73
CA LEU A 211 9.10 15.73 -19.29
C LEU A 211 8.35 14.49 -18.83
N GLU A 212 7.27 14.26 -19.57
CA GLU A 212 6.36 13.17 -19.36
C GLU A 212 7.03 11.80 -19.54
N GLN A 213 8.00 11.79 -20.40
CA GLN A 213 8.72 10.59 -20.69
C GLN A 213 9.60 10.30 -19.54
N GLN A 214 10.24 11.39 -19.10
CA GLN A 214 11.16 11.30 -18.00
C GLN A 214 10.44 10.79 -16.74
N ILE A 215 9.29 11.40 -16.48
CA ILE A 215 8.43 11.03 -15.38
C ILE A 215 8.10 9.57 -15.46
N LEU A 216 7.58 9.14 -16.62
CA LEU A 216 7.25 7.73 -16.82
C LEU A 216 8.42 6.82 -16.60
N GLN A 217 9.56 7.23 -17.10
CA GLN A 217 10.74 6.41 -17.00
C GLN A 217 11.36 6.37 -15.63
N ALA A 218 10.80 7.11 -14.70
CA ALA A 218 11.42 7.10 -13.39
C ALA A 218 11.21 5.81 -12.62
N ASN A 219 9.94 5.37 -12.57
CA ASN A 219 9.62 4.17 -11.84
C ASN A 219 10.56 3.02 -12.19
N PRO A 220 10.57 2.65 -13.45
CA PRO A 220 11.42 1.58 -13.99
C PRO A 220 12.82 1.53 -13.43
N ILE A 221 13.35 2.72 -13.17
CA ILE A 221 14.68 2.91 -12.62
C ILE A 221 14.64 2.48 -11.17
N LEU A 222 13.65 3.03 -10.45
CA LEU A 222 13.46 2.76 -9.04
C LEU A 222 13.08 1.31 -8.78
N GLU A 223 12.34 0.69 -9.69
CA GLU A 223 11.86 -0.65 -9.49
C GLU A 223 12.99 -1.61 -9.59
N ALA A 224 13.92 -1.28 -10.48
CA ALA A 224 15.07 -2.14 -10.66
C ALA A 224 15.94 -2.22 -9.41
N PHE A 225 15.90 -1.14 -8.65
CA PHE A 225 16.69 -1.03 -7.44
C PHE A 225 15.93 -1.28 -6.15
N GLY A 226 14.61 -1.10 -6.14
CA GLY A 226 13.82 -1.26 -4.92
C GLY A 226 12.83 -2.39 -4.92
N ASN A 227 12.81 -3.16 -6.02
CA ASN A 227 11.83 -4.22 -6.11
C ASN A 227 12.51 -5.54 -6.30
N ALA A 228 11.92 -6.56 -5.67
CA ALA A 228 12.41 -7.90 -5.74
C ALA A 228 11.29 -8.90 -5.69
N LYS A 229 11.67 -10.13 -6.01
CA LYS A 229 10.79 -11.27 -6.01
C LYS A 229 10.68 -11.81 -4.60
N THR A 230 9.47 -11.93 -4.10
CA THR A 230 9.34 -12.50 -2.80
C THR A 230 8.30 -13.56 -2.96
N THR A 231 8.02 -14.28 -1.92
CA THR A 231 7.02 -15.33 -2.03
C THR A 231 5.61 -14.80 -2.28
N ARG A 232 5.39 -13.54 -1.96
CA ARG A 232 4.07 -12.96 -2.11
C ARG A 232 3.88 -12.20 -3.44
N ASN A 233 4.98 -11.74 -4.07
CA ASN A 233 4.96 -10.94 -5.28
C ASN A 233 6.29 -11.00 -6.00
N ASN A 234 6.20 -11.34 -7.26
CA ASN A 234 7.36 -11.43 -8.10
C ASN A 234 7.99 -10.12 -8.32
N ASN A 235 7.21 -9.08 -8.15
CA ASN A 235 7.72 -7.75 -8.35
C ASN A 235 7.34 -6.84 -7.22
N SER A 236 7.62 -7.34 -6.02
CA SER A 236 7.37 -6.63 -4.76
C SER A 236 8.16 -5.34 -4.59
N SER A 237 7.48 -4.30 -4.08
CA SER A 237 8.15 -3.05 -3.81
C SER A 237 8.74 -3.17 -2.46
N ARG A 238 10.06 -3.02 -2.36
CA ARG A 238 10.77 -3.11 -1.08
C ARG A 238 11.05 -1.75 -0.47
N PHE A 239 10.21 -0.79 -0.80
CA PHE A 239 10.28 0.56 -0.30
C PHE A 239 8.91 1.17 -0.52
N GLY A 240 8.56 2.13 0.33
CA GLY A 240 7.32 2.82 0.16
C GLY A 240 7.63 4.11 -0.57
N LYS A 241 6.61 4.71 -1.19
CA LYS A 241 6.86 5.95 -1.93
C LYS A 241 5.65 6.85 -2.04
N PHE A 242 5.95 8.14 -2.16
CA PHE A 242 4.95 9.17 -2.35
C PHE A 242 5.31 9.95 -3.60
N ILE A 243 4.48 9.84 -4.62
CA ILE A 243 4.74 10.54 -5.87
C ILE A 243 3.98 11.87 -6.03
N GLU A 244 4.74 12.91 -6.21
CA GLU A 244 4.12 14.18 -6.38
C GLU A 244 4.09 14.58 -7.86
N ILE A 245 2.89 14.54 -8.46
CA ILE A 245 2.73 14.98 -9.84
C ILE A 245 2.36 16.45 -9.80
N GLN A 246 3.28 17.26 -10.32
CA GLN A 246 3.18 18.73 -10.35
C GLN A 246 2.57 19.28 -11.63
N PHE A 247 1.64 20.23 -11.44
CA PHE A 247 0.91 20.88 -12.52
C PHE A 247 1.01 22.41 -12.49
N ASN A 248 0.84 23.04 -13.66
CA ASN A 248 0.84 24.51 -13.65
C ASN A 248 -0.61 25.02 -13.57
N ASN A 249 -0.76 26.29 -13.27
CA ASN A 249 -2.06 26.94 -13.11
C ASN A 249 -3.02 26.59 -14.23
N ALA A 250 -2.45 26.20 -15.39
CA ALA A 250 -3.23 25.81 -16.56
C ALA A 250 -3.65 24.35 -16.54
N GLY A 251 -3.13 23.55 -15.61
CA GLY A 251 -3.52 22.16 -15.54
C GLY A 251 -2.63 21.20 -16.31
N PHE A 252 -1.45 21.70 -16.73
CA PHE A 252 -0.47 20.88 -17.44
C PHE A 252 0.67 20.44 -16.55
N ILE A 253 0.99 19.14 -16.66
CA ILE A 253 2.06 18.58 -15.87
C ILE A 253 3.29 19.43 -16.01
N SER A 254 3.83 19.86 -14.87
CA SER A 254 5.00 20.72 -14.88
C SER A 254 6.20 20.08 -14.24
N GLY A 255 6.03 18.90 -13.70
CA GLY A 255 7.10 18.19 -13.02
C GLY A 255 6.62 17.09 -12.09
N ALA A 256 7.53 16.65 -11.24
CA ALA A 256 7.26 15.64 -10.26
C ALA A 256 8.44 15.49 -9.32
N SER A 257 8.15 14.99 -8.14
CA SER A 257 9.12 14.70 -7.08
C SER A 257 8.76 13.33 -6.47
N ILE A 258 9.77 12.67 -5.90
CA ILE A 258 9.59 11.36 -5.27
C ILE A 258 10.25 11.33 -3.92
N GLN A 259 9.54 10.77 -2.98
CA GLN A 259 10.00 10.61 -1.64
C GLN A 259 9.91 9.09 -1.42
N SER A 260 11.05 8.43 -1.01
CA SER A 260 11.14 6.99 -0.75
C SER A 260 11.23 6.72 0.74
N TYR A 261 10.71 5.58 1.20
CA TYR A 261 10.76 5.26 2.59
C TYR A 261 11.03 3.80 2.83
N LEU A 262 11.63 3.53 3.99
CA LEU A 262 11.82 2.16 4.46
C LEU A 262 12.33 1.16 3.43
N LEU A 263 13.42 1.47 2.80
CA LEU A 263 13.97 0.50 1.86
C LEU A 263 14.54 -0.70 2.63
N GLU A 264 14.22 -1.91 2.19
CA GLU A 264 14.71 -3.14 2.81
C GLU A 264 16.17 -3.43 2.42
N LYS A 265 17.04 -2.63 2.98
CA LYS A 265 18.47 -2.78 2.73
C LYS A 265 18.94 -4.19 3.11
N SER A 266 18.26 -4.80 4.06
CA SER A 266 18.68 -6.10 4.46
C SER A 266 18.60 -7.17 3.36
N ARG A 267 17.68 -6.96 2.44
CA ARG A 267 17.53 -7.90 1.36
C ARG A 267 18.80 -8.02 0.54
N VAL A 268 19.67 -7.04 0.63
CA VAL A 268 20.89 -7.11 -0.16
C VAL A 268 21.83 -8.26 0.21
N VAL A 269 21.94 -8.53 1.51
CA VAL A 269 22.81 -9.57 2.03
C VAL A 269 22.11 -10.92 2.24
N PHE A 270 20.78 -10.91 2.37
CA PHE A 270 20.06 -12.15 2.61
C PHE A 270 18.67 -12.17 2.03
N GLN A 271 18.36 -13.29 1.40
CA GLN A 271 17.02 -13.47 0.89
C GLN A 271 16.46 -14.84 1.35
N SER A 272 15.17 -14.89 1.72
CA SER A 272 14.51 -16.14 2.10
C SER A 272 14.59 -17.12 0.92
N GLU A 273 14.31 -18.39 1.16
CA GLU A 273 14.40 -19.30 0.03
C GLU A 273 13.26 -19.03 -0.94
N THR A 274 13.56 -19.23 -2.24
CA THR A 274 12.63 -18.97 -3.31
C THR A 274 12.63 -17.50 -3.75
N GLU A 275 12.98 -16.59 -2.82
CA GLU A 275 13.03 -15.16 -3.07
C GLU A 275 14.24 -14.76 -3.89
N ARG A 276 14.32 -13.47 -4.21
CA ARG A 276 15.46 -13.02 -5.00
C ARG A 276 16.03 -11.74 -4.41
N ASN A 277 17.26 -11.42 -4.75
CA ASN A 277 17.85 -10.15 -4.33
C ASN A 277 17.15 -9.08 -5.19
N TYR A 278 17.58 -7.80 -5.11
CA TYR A 278 16.98 -6.73 -5.93
C TYR A 278 17.21 -7.05 -7.41
N HIS A 279 16.18 -6.81 -8.22
CA HIS A 279 16.22 -7.01 -9.67
C HIS A 279 17.54 -6.66 -10.35
N ILE A 280 18.07 -5.45 -10.14
CA ILE A 280 19.31 -5.04 -10.81
C ILE A 280 20.44 -5.99 -10.71
N PHE A 281 20.53 -6.69 -9.63
CA PHE A 281 21.67 -7.55 -9.56
C PHE A 281 21.65 -8.52 -10.71
N TYR A 282 20.47 -9.12 -10.92
CA TYR A 282 20.21 -10.08 -11.99
C TYR A 282 20.27 -9.43 -13.36
N GLN A 283 19.73 -8.21 -13.42
CA GLN A 283 19.74 -7.44 -14.66
C GLN A 283 21.17 -7.22 -15.13
N LEU A 284 22.02 -6.75 -14.25
CA LEU A 284 23.38 -6.50 -14.64
C LEU A 284 24.07 -7.77 -15.05
N LEU A 285 24.06 -8.75 -14.19
CA LEU A 285 24.69 -10.01 -14.49
C LEU A 285 24.32 -10.57 -15.86
N ALA A 286 23.03 -10.49 -16.23
CA ALA A 286 22.53 -11.02 -17.50
C ALA A 286 22.75 -10.14 -18.68
N GLY A 287 22.51 -8.86 -18.50
CA GLY A 287 22.55 -7.87 -19.58
C GLY A 287 23.88 -7.22 -19.88
N ALA A 288 24.80 -7.29 -18.94
CA ALA A 288 26.11 -6.72 -19.14
C ALA A 288 26.77 -7.37 -20.35
N THR A 289 27.52 -6.56 -21.09
CA THR A 289 28.23 -7.04 -22.26
C THR A 289 29.41 -7.88 -21.82
N ALA A 290 29.69 -8.95 -22.57
CA ALA A 290 30.80 -9.83 -22.26
C ALA A 290 32.08 -9.06 -21.95
N GLU A 291 32.09 -7.80 -22.39
CA GLU A 291 33.21 -6.91 -22.15
C GLU A 291 33.07 -6.19 -20.81
N GLU A 292 31.87 -5.67 -20.53
CA GLU A 292 31.63 -4.99 -19.27
C GLU A 292 31.91 -5.92 -18.09
N LYS A 293 31.63 -7.20 -18.31
CA LYS A 293 31.77 -8.21 -17.30
C LYS A 293 33.21 -8.34 -16.85
N LYS A 294 34.05 -8.46 -17.85
CA LYS A 294 35.47 -8.57 -17.65
C LYS A 294 35.96 -7.38 -16.85
N ALA A 295 35.41 -6.21 -17.17
CA ALA A 295 35.78 -5.00 -16.44
C ALA A 295 35.14 -4.98 -15.07
N LEU A 296 34.15 -5.86 -14.86
CA LEU A 296 33.46 -5.89 -13.59
C LEU A 296 33.71 -7.18 -12.84
N HIS A 297 34.44 -8.08 -13.46
CA HIS A 297 34.73 -9.30 -12.74
C HIS A 297 33.47 -10.00 -12.34
N LEU A 298 32.53 -9.92 -13.27
CA LEU A 298 31.23 -10.51 -13.13
C LEU A 298 31.18 -11.92 -13.62
N ALA A 299 30.41 -12.71 -12.90
CA ALA A 299 30.19 -14.09 -13.24
C ALA A 299 28.71 -14.32 -13.12
N GLY A 300 28.33 -15.56 -12.93
CA GLY A 300 26.92 -15.83 -12.79
C GLY A 300 26.47 -15.63 -11.37
N PRO A 301 25.17 -15.54 -11.21
CA PRO A 301 24.61 -15.38 -9.89
C PRO A 301 25.10 -16.46 -8.95
N GLU A 302 25.28 -17.66 -9.51
CA GLU A 302 25.71 -18.77 -8.68
C GLU A 302 27.05 -18.52 -8.00
N SER A 303 27.90 -17.79 -8.71
CA SER A 303 29.21 -17.42 -8.22
C SER A 303 29.19 -16.25 -7.22
N PHE A 304 28.03 -15.85 -6.78
CA PHE A 304 28.00 -14.77 -5.81
C PHE A 304 27.16 -15.19 -4.62
N ASN A 305 27.72 -14.93 -3.43
CA ASN A 305 27.19 -15.25 -2.10
C ASN A 305 25.86 -14.57 -1.83
N TYR A 306 25.75 -13.34 -2.31
CA TYR A 306 24.57 -12.54 -2.12
C TYR A 306 23.46 -12.88 -3.10
N LEU A 307 23.72 -13.83 -4.00
CA LEU A 307 22.74 -14.22 -5.01
C LEU A 307 22.52 -15.72 -5.17
N ASN A 308 23.26 -16.50 -4.40
CA ASN A 308 23.20 -17.92 -4.53
C ASN A 308 22.67 -18.65 -3.31
N GLN A 309 22.04 -17.94 -2.41
CA GLN A 309 21.55 -18.59 -1.22
C GLN A 309 20.07 -19.02 -1.24
N SER A 310 19.21 -18.25 -1.90
CA SER A 310 17.78 -18.55 -1.91
C SER A 310 17.37 -19.70 -2.83
N GLY A 311 18.23 -20.03 -3.78
CA GLY A 311 17.85 -21.07 -4.70
C GLY A 311 17.09 -20.53 -5.91
N CYS A 312 16.65 -19.28 -5.85
CA CYS A 312 15.93 -18.72 -6.99
C CYS A 312 16.76 -17.64 -7.65
N VAL A 313 17.06 -17.82 -8.91
CA VAL A 313 17.82 -16.80 -9.57
C VAL A 313 17.15 -16.17 -10.77
N ASP A 314 15.90 -16.58 -11.00
CA ASP A 314 15.13 -16.02 -12.09
C ASP A 314 13.63 -16.07 -11.84
N ILE A 315 12.91 -15.21 -12.55
CA ILE A 315 11.47 -15.11 -12.41
C ILE A 315 10.76 -15.62 -13.65
N LYS A 316 9.70 -16.38 -13.40
CA LYS A 316 8.88 -16.95 -14.44
C LYS A 316 8.43 -15.90 -15.44
N GLY A 317 8.84 -16.12 -16.69
CA GLY A 317 8.45 -15.21 -17.75
C GLY A 317 9.05 -13.83 -17.57
N VAL A 318 10.28 -13.81 -17.08
CA VAL A 318 11.01 -12.58 -16.92
C VAL A 318 12.43 -12.71 -17.49
N SER A 319 12.73 -11.82 -18.43
CA SER A 319 14.06 -11.75 -19.00
C SER A 319 14.85 -10.59 -18.39
N ASP A 320 15.66 -10.92 -17.40
CA ASP A 320 16.53 -9.98 -16.71
C ASP A 320 17.40 -9.23 -17.70
N SER A 321 17.75 -9.93 -18.79
CA SER A 321 18.57 -9.36 -19.85
C SER A 321 17.80 -8.29 -20.59
N GLU A 322 16.58 -8.61 -20.89
CA GLU A 322 15.73 -7.68 -21.58
C GLU A 322 15.35 -6.56 -20.63
N GLU A 323 15.16 -6.82 -19.39
CA GLU A 323 14.85 -5.83 -18.37
C GLU A 323 16.00 -4.86 -18.17
N PHE A 324 17.21 -5.41 -18.21
CA PHE A 324 18.38 -4.56 -18.10
C PHE A 324 18.30 -3.42 -19.12
N LYS A 325 18.07 -3.83 -20.35
CA LYS A 325 17.94 -2.90 -21.44
C LYS A 325 16.97 -1.81 -21.12
N ILE A 326 15.79 -2.23 -20.67
CA ILE A 326 14.75 -1.26 -20.29
C ILE A 326 15.32 -0.28 -19.27
N THR A 327 16.00 -0.87 -18.29
CA THR A 327 16.60 -0.14 -17.19
C THR A 327 17.61 0.91 -17.61
N ARG A 328 18.51 0.56 -18.53
CA ARG A 328 19.52 1.48 -19.05
C ARG A 328 18.84 2.56 -19.91
N GLN A 329 17.87 2.08 -20.66
CA GLN A 329 17.05 2.91 -21.50
C GLN A 329 16.50 4.10 -20.71
N ALA A 330 15.85 3.79 -19.59
CA ALA A 330 15.27 4.79 -18.70
C ALA A 330 16.29 5.77 -18.18
N MET A 331 17.42 5.20 -17.76
CA MET A 331 18.55 5.94 -17.23
C MET A 331 18.96 7.00 -18.25
N ASP A 332 18.98 6.55 -19.51
CA ASP A 332 19.24 7.37 -20.68
C ASP A 332 18.24 8.51 -20.81
N ILE A 333 16.97 8.14 -20.80
CA ILE A 333 15.91 9.14 -20.90
C ILE A 333 15.88 10.11 -19.70
N VAL A 334 16.06 9.63 -18.46
CA VAL A 334 15.99 10.58 -17.36
C VAL A 334 17.10 11.58 -17.49
N GLY A 335 18.29 11.02 -17.77
CA GLY A 335 19.44 11.87 -17.94
C GLY A 335 20.70 11.38 -17.27
N PHE A 336 20.77 10.12 -16.90
CA PHE A 336 22.00 9.67 -16.30
C PHE A 336 23.12 9.60 -17.36
N SER A 337 24.25 10.20 -17.06
CA SER A 337 25.37 10.17 -17.99
C SER A 337 25.96 8.80 -18.05
N GLN A 338 26.58 8.46 -19.18
CA GLN A 338 27.23 7.18 -19.39
C GLN A 338 28.24 6.87 -18.27
N GLU A 339 28.93 7.90 -17.80
CA GLU A 339 29.87 7.70 -16.70
C GLU A 339 29.13 7.25 -15.45
N GLU A 340 28.13 8.07 -15.08
CA GLU A 340 27.27 7.83 -13.94
C GLU A 340 26.74 6.40 -13.95
N GLN A 341 26.30 5.98 -15.11
CA GLN A 341 25.76 4.65 -15.30
C GLN A 341 26.78 3.59 -15.01
N MET A 342 28.02 3.92 -15.32
CA MET A 342 29.04 2.94 -15.07
C MET A 342 29.26 2.75 -13.59
N SER A 343 29.43 3.87 -12.89
CA SER A 343 29.64 3.85 -11.45
C SER A 343 28.53 3.12 -10.69
N ILE A 344 27.28 3.37 -11.10
CA ILE A 344 26.18 2.71 -10.49
C ILE A 344 26.38 1.20 -10.63
N PHE A 345 26.70 0.77 -11.83
CA PHE A 345 26.92 -0.61 -12.14
C PHE A 345 28.17 -1.11 -11.45
N LYS A 346 29.05 -0.18 -11.19
CA LYS A 346 30.29 -0.55 -10.51
C LYS A 346 29.99 -0.82 -9.04
N ILE A 347 29.10 0.04 -8.47
CA ILE A 347 28.68 -0.10 -7.08
C ILE A 347 27.94 -1.43 -6.88
N ILE A 348 27.07 -1.72 -7.83
CA ILE A 348 26.35 -2.95 -7.86
C ILE A 348 27.33 -4.11 -7.84
N ALA A 349 28.35 -4.01 -8.69
CA ALA A 349 29.35 -5.07 -8.79
C ALA A 349 30.20 -5.24 -7.53
N GLY A 350 30.76 -4.09 -7.12
CA GLY A 350 31.59 -4.05 -5.90
C GLY A 350 30.85 -4.70 -4.73
N ILE A 351 29.57 -4.34 -4.57
CA ILE A 351 28.74 -4.91 -3.52
C ILE A 351 28.78 -6.43 -3.62
N LEU A 352 28.51 -6.93 -4.80
CA LEU A 352 28.53 -8.36 -5.03
C LEU A 352 29.88 -8.92 -4.62
N HIS A 353 30.94 -8.14 -4.89
CA HIS A 353 32.30 -8.55 -4.53
C HIS A 353 32.52 -8.60 -3.04
N LEU A 354 32.02 -7.57 -2.33
CA LEU A 354 32.12 -7.50 -0.90
C LEU A 354 31.49 -8.73 -0.27
N GLY A 355 30.34 -9.13 -0.80
CA GLY A 355 29.65 -10.26 -0.24
C GLY A 355 30.44 -11.55 -0.45
N ASN A 356 31.34 -11.51 -1.43
CA ASN A 356 32.15 -12.65 -1.74
C ASN A 356 33.43 -12.69 -0.96
N ILE A 357 33.45 -11.96 0.14
CA ILE A 357 34.58 -11.93 1.04
C ILE A 357 34.42 -13.00 2.10
N LYS A 358 35.49 -13.74 2.30
CA LYS A 358 35.46 -14.82 3.27
C LYS A 358 36.46 -14.56 4.39
N PHE A 359 35.93 -14.27 5.57
CA PHE A 359 36.79 -14.05 6.71
C PHE A 359 37.14 -15.38 7.34
N GLU A 360 38.38 -15.50 7.80
CA GLU A 360 38.81 -16.70 8.45
C GLU A 360 39.42 -16.39 9.80
N LYS A 361 39.36 -17.37 10.70
CA LYS A 361 39.89 -17.24 12.04
C LYS A 361 41.26 -17.86 12.15
N GLY A 362 41.35 -18.80 13.10
CA GLY A 362 42.55 -19.55 13.36
C GLY A 362 43.53 -18.80 14.26
N ALA A 363 44.52 -18.14 13.59
CA ALA A 363 45.61 -17.35 14.21
C ALA A 363 45.39 -17.08 15.69
N GLY A 364 44.27 -16.41 15.95
CA GLY A 364 43.80 -16.08 17.29
C GLY A 364 42.29 -16.17 17.37
N GLU A 365 41.69 -15.00 17.57
CA GLU A 365 40.25 -14.85 17.62
C GLU A 365 39.83 -13.82 16.58
N GLY A 366 40.84 -13.04 16.15
CA GLY A 366 40.72 -11.98 15.16
C GLY A 366 40.75 -12.50 13.73
N ALA A 367 39.97 -11.83 12.89
CA ALA A 367 39.80 -12.16 11.49
C ALA A 367 40.98 -11.90 10.54
N VAL A 368 41.07 -12.76 9.54
CA VAL A 368 42.10 -12.63 8.56
C VAL A 368 41.61 -12.87 7.16
N LEU A 369 42.36 -12.33 6.23
CA LEU A 369 42.01 -12.48 4.85
C LEU A 369 43.06 -13.26 4.06
N LYS A 370 43.03 -14.59 4.15
CA LYS A 370 44.02 -15.36 3.39
C LYS A 370 43.95 -14.97 1.91
N ASP A 371 42.76 -15.00 1.33
CA ASP A 371 42.58 -14.61 -0.05
C ASP A 371 41.98 -13.22 -0.11
N LYS A 372 42.41 -12.43 -1.08
CA LYS A 372 42.00 -11.06 -1.22
C LYS A 372 41.42 -10.76 -2.57
N THR A 373 41.06 -11.77 -3.32
CA THR A 373 40.57 -11.53 -4.64
C THR A 373 39.29 -10.72 -4.59
N ALA A 374 38.33 -11.20 -3.81
CA ALA A 374 37.07 -10.50 -3.67
C ALA A 374 37.35 -9.08 -3.25
N LEU A 375 38.16 -8.97 -2.22
CA LEU A 375 38.53 -7.68 -1.73
C LEU A 375 39.17 -6.81 -2.81
N ASN A 376 40.01 -7.41 -3.61
CA ASN A 376 40.68 -6.62 -4.62
C ASN A 376 39.72 -6.10 -5.65
N ALA A 377 38.82 -6.97 -6.06
CA ALA A 377 37.80 -6.72 -7.03
C ALA A 377 36.87 -5.61 -6.57
N ALA A 378 36.36 -5.73 -5.37
CA ALA A 378 35.50 -4.71 -4.86
C ALA A 378 36.24 -3.38 -4.76
N SER A 379 37.53 -3.40 -4.39
CA SER A 379 38.30 -2.16 -4.25
C SER A 379 38.49 -1.47 -5.60
N THR A 380 38.76 -2.27 -6.62
CA THR A 380 38.93 -1.67 -7.90
C THR A 380 37.68 -0.96 -8.42
N VAL A 381 36.53 -1.67 -8.42
CA VAL A 381 35.27 -1.07 -8.91
C VAL A 381 34.83 0.12 -8.06
N PHE A 382 35.02 0.01 -6.74
CA PHE A 382 34.67 1.09 -5.84
C PHE A 382 35.61 2.26 -6.05
N GLY A 383 36.88 1.88 -6.28
CA GLY A 383 37.96 2.83 -6.51
C GLY A 383 38.53 3.36 -5.20
N VAL A 384 38.69 2.46 -4.25
CA VAL A 384 39.21 2.74 -2.91
C VAL A 384 40.47 1.91 -2.72
N ASN A 385 41.14 2.10 -1.60
CA ASN A 385 42.36 1.35 -1.35
C ASN A 385 42.14 0.06 -0.54
N PRO A 386 42.36 -1.06 -1.21
CA PRO A 386 42.18 -2.36 -0.62
C PRO A 386 42.74 -2.51 0.79
N SER A 387 43.93 -1.97 1.01
CA SER A 387 44.52 -2.13 2.33
C SER A 387 43.74 -1.40 3.42
N VAL A 388 43.32 -0.20 3.06
CA VAL A 388 42.52 0.62 3.94
C VAL A 388 41.21 -0.07 4.22
N LEU A 389 40.59 -0.57 3.15
CA LEU A 389 39.33 -1.30 3.21
C LEU A 389 39.47 -2.46 4.18
N GLU A 390 40.49 -3.26 3.91
CA GLU A 390 40.84 -4.44 4.69
C GLU A 390 40.91 -4.15 6.17
N LYS A 391 41.68 -3.11 6.47
CA LYS A 391 41.89 -2.68 7.82
C LYS A 391 40.61 -2.22 8.44
N ALA A 392 39.95 -1.34 7.71
CA ALA A 392 38.67 -0.76 8.10
C ALA A 392 37.64 -1.81 8.46
N LEU A 393 37.74 -2.98 7.82
CA LEU A 393 36.84 -4.09 8.04
C LEU A 393 37.23 -4.90 9.25
N MET A 394 38.46 -5.40 9.21
CA MET A 394 38.95 -6.24 10.28
C MET A 394 39.61 -5.54 11.47
N GLU A 395 40.15 -4.35 11.24
CA GLU A 395 40.79 -3.63 12.32
C GLU A 395 40.34 -2.18 12.47
N PRO A 396 39.04 -1.92 12.65
CA PRO A 396 38.63 -0.54 12.76
C PRO A 396 39.21 0.14 14.00
N ARG A 397 39.53 1.40 13.89
CA ARG A 397 39.97 2.16 15.03
C ARG A 397 38.76 2.58 15.84
N ILE A 398 38.76 2.27 17.12
CA ILE A 398 37.65 2.61 17.98
C ILE A 398 38.06 3.43 19.17
N LEU A 399 37.24 4.45 19.39
CA LEU A 399 37.40 5.39 20.47
C LEU A 399 36.96 4.86 21.84
N ALA A 400 37.94 4.79 22.73
CA ALA A 400 37.76 4.34 24.09
C ALA A 400 38.00 5.53 25.00
N GLY A 401 37.20 6.54 24.76
CA GLY A 401 37.31 7.74 25.52
C GLY A 401 38.26 8.72 24.89
N ARG A 402 39.48 8.73 25.41
CA ARG A 402 40.48 9.63 24.89
C ARG A 402 41.30 8.89 23.87
N ASP A 403 41.28 7.59 24.05
CA ASP A 403 41.98 6.64 23.22
C ASP A 403 41.23 6.21 21.96
N LEU A 404 41.89 6.41 20.82
CA LEU A 404 41.40 5.97 19.52
C LEU A 404 42.25 4.74 19.22
N VAL A 405 41.68 3.53 19.29
CA VAL A 405 42.47 2.32 19.09
C VAL A 405 41.88 1.33 18.10
N ALA A 406 42.76 0.75 17.31
CA ALA A 406 42.32 -0.21 16.32
C ALA A 406 42.04 -1.56 16.95
N GLN A 407 40.87 -2.07 16.68
CA GLN A 407 40.50 -3.36 17.20
C GLN A 407 40.75 -4.46 16.19
N HIS A 408 40.69 -5.68 16.65
CA HIS A 408 40.87 -6.82 15.79
C HIS A 408 39.62 -7.66 15.80
N LEU A 409 38.66 -7.27 14.96
CA LEU A 409 37.41 -7.99 14.89
C LEU A 409 37.59 -9.43 14.51
N ASN A 410 36.77 -10.26 15.14
CA ASN A 410 36.74 -11.67 14.85
C ASN A 410 36.08 -11.79 13.49
N VAL A 411 35.73 -13.02 13.13
CA VAL A 411 35.12 -13.27 11.83
C VAL A 411 33.72 -12.71 11.72
N GLU A 412 32.90 -13.03 12.72
CA GLU A 412 31.50 -12.67 12.83
C GLU A 412 31.36 -11.19 12.85
N LYS A 413 32.20 -10.57 13.66
CA LYS A 413 32.20 -9.14 13.79
C LYS A 413 32.66 -8.52 12.48
N SER A 414 33.68 -9.11 11.93
CA SER A 414 34.20 -8.63 10.69
C SER A 414 33.14 -8.71 9.60
N SER A 415 32.45 -9.85 9.55
CA SER A 415 31.43 -10.11 8.53
C SER A 415 30.22 -9.20 8.58
N SER A 416 29.76 -8.92 9.79
CA SER A 416 28.63 -8.05 10.02
C SER A 416 29.02 -6.66 9.56
N SER A 417 30.28 -6.32 9.76
CA SER A 417 30.77 -5.02 9.36
C SER A 417 30.69 -4.88 7.83
N ARG A 418 31.13 -5.93 7.16
CA ARG A 418 31.11 -5.95 5.72
C ARG A 418 29.68 -5.76 5.28
N ASP A 419 28.77 -6.47 5.94
CA ASP A 419 27.36 -6.38 5.68
C ASP A 419 26.83 -4.98 5.87
N ALA A 420 27.31 -4.36 6.95
CA ALA A 420 26.90 -3.00 7.21
C ALA A 420 27.38 -2.12 6.07
N LEU A 421 28.63 -2.33 5.65
CA LEU A 421 29.16 -1.54 4.57
C LEU A 421 28.34 -1.67 3.29
N VAL A 422 27.96 -2.88 2.99
CA VAL A 422 27.15 -3.18 1.82
C VAL A 422 25.75 -2.52 1.84
N LYS A 423 25.11 -2.57 2.99
CA LYS A 423 23.80 -2.00 3.15
C LYS A 423 23.85 -0.48 3.10
N ALA A 424 24.92 0.10 3.67
CA ALA A 424 25.10 1.55 3.65
C ALA A 424 25.21 2.04 2.21
N LEU A 425 26.02 1.33 1.43
CA LEU A 425 26.21 1.62 0.02
C LEU A 425 24.92 1.51 -0.79
N TYR A 426 24.23 0.38 -0.63
CA TYR A 426 22.99 0.19 -1.37
C TYR A 426 21.98 1.27 -1.11
N GLY A 427 21.64 1.45 0.17
CA GLY A 427 20.70 2.47 0.58
C GLY A 427 21.09 3.89 0.15
N ARG A 428 22.36 4.23 0.24
CA ARG A 428 22.80 5.56 -0.17
C ARG A 428 22.76 5.71 -1.67
N LEU A 429 23.11 4.65 -2.36
CA LEU A 429 23.02 4.69 -3.79
C LEU A 429 21.56 4.91 -4.20
N PHE A 430 20.63 4.26 -3.49
CA PHE A 430 19.23 4.41 -3.75
C PHE A 430 18.89 5.87 -3.52
N LEU A 431 19.14 6.34 -2.32
CA LEU A 431 18.90 7.75 -1.98
C LEU A 431 19.37 8.75 -3.03
N TRP A 432 20.59 8.51 -3.50
CA TRP A 432 21.23 9.29 -4.56
C TRP A 432 20.45 9.16 -5.86
N LEU A 433 20.01 7.95 -6.19
CA LEU A 433 19.26 7.76 -7.42
C LEU A 433 18.06 8.67 -7.42
N VAL A 434 17.32 8.63 -6.31
CA VAL A 434 16.11 9.44 -6.14
C VAL A 434 16.39 10.91 -6.28
N LYS A 435 17.48 11.31 -5.66
CA LYS A 435 17.83 12.70 -5.70
C LYS A 435 18.17 13.15 -7.11
N LYS A 436 18.85 12.29 -7.84
CA LYS A 436 19.20 12.62 -9.20
C LYS A 436 17.96 12.78 -10.01
N ILE A 437 17.10 11.77 -9.96
CA ILE A 437 15.83 11.80 -10.67
C ILE A 437 15.06 13.09 -10.32
N ASN A 438 14.95 13.40 -9.03
CA ASN A 438 14.25 14.61 -8.64
C ASN A 438 14.83 15.86 -9.25
N ASN A 439 16.14 15.90 -9.36
CA ASN A 439 16.82 17.05 -9.92
C ASN A 439 16.36 17.26 -11.33
N VAL A 440 16.11 16.19 -12.02
CA VAL A 440 15.64 16.34 -13.35
C VAL A 440 14.16 16.66 -13.45
N LEU A 441 13.32 15.96 -12.73
CA LEU A 441 11.89 16.22 -12.82
C LEU A 441 11.35 17.37 -11.94
N CYS A 442 11.83 17.51 -10.70
CA CYS A 442 11.27 18.47 -9.75
C CYS A 442 11.31 19.92 -10.11
N GLN A 443 10.18 20.60 -9.81
CA GLN A 443 10.04 22.03 -10.06
C GLN A 443 9.78 22.80 -8.77
N GLU A 444 10.65 23.77 -8.50
CA GLU A 444 10.54 24.58 -7.30
C GLU A 444 9.42 25.59 -7.41
N ARG A 445 8.87 25.67 -8.61
CA ARG A 445 7.80 26.60 -8.87
C ARG A 445 6.54 25.95 -9.42
N LYS A 446 5.96 25.01 -8.68
CA LYS A 446 4.71 24.36 -9.10
C LYS A 446 3.54 25.14 -8.58
N ALA A 447 2.40 24.95 -9.22
CA ALA A 447 1.23 25.67 -8.81
C ALA A 447 0.39 24.74 -7.99
N TYR A 448 0.29 23.53 -8.51
CA TYR A 448 -0.54 22.53 -7.89
C TYR A 448 0.16 21.20 -8.01
N PHE A 449 -0.42 20.19 -7.34
CA PHE A 449 0.07 18.83 -7.37
C PHE A 449 -0.98 17.85 -6.92
N ILE A 450 -0.75 16.61 -7.36
CA ILE A 450 -1.50 15.45 -7.07
C ILE A 450 -0.49 14.47 -6.55
N GLY A 451 -0.62 14.06 -5.32
CA GLY A 451 0.36 13.13 -4.82
C GLY A 451 -0.22 11.72 -4.67
N VAL A 452 0.58 10.79 -5.09
CA VAL A 452 0.24 9.39 -5.00
C VAL A 452 1.12 8.66 -3.99
N LEU A 453 0.45 8.13 -2.99
CA LEU A 453 1.10 7.37 -1.93
C LEU A 453 0.92 5.88 -2.18
N ASP A 454 2.01 5.22 -2.50
CA ASP A 454 1.98 3.77 -2.75
C ASP A 454 2.81 3.08 -1.68
N ILE A 455 2.11 2.69 -0.63
CA ILE A 455 2.72 2.05 0.52
C ILE A 455 1.71 1.06 1.16
N SER A 456 2.32 -0.02 1.70
CA SER A 456 1.62 -1.14 2.33
C SER A 456 0.72 -0.66 3.43
N GLY A 457 -0.33 -1.42 3.63
CA GLY A 457 -1.28 -1.15 4.69
C GLY A 457 -0.67 -1.71 5.97
N PHE A 458 -1.40 -2.10 6.93
CA PHE A 458 -0.83 -2.70 8.11
C PHE A 458 -0.12 -3.99 7.76
N GLU A 459 0.93 -4.33 8.51
CA GLU A 459 1.65 -5.57 8.33
C GLU A 459 1.56 -6.45 9.58
N ILE A 460 0.92 -7.59 9.47
CA ILE A 460 0.80 -8.50 10.59
C ILE A 460 1.37 -9.81 10.15
N PHE A 461 2.66 -10.01 10.44
CA PHE A 461 3.35 -11.22 10.04
C PHE A 461 3.53 -12.17 11.21
N LYS A 462 4.09 -13.34 10.85
CA LYS A 462 4.47 -14.44 11.72
C LYS A 462 5.35 -13.83 12.78
N VAL A 463 6.38 -13.12 12.27
CA VAL A 463 7.37 -12.38 13.02
C VAL A 463 7.32 -10.89 12.64
N ASN A 464 7.19 -10.03 13.64
CA ASN A 464 7.14 -8.62 13.36
C ASN A 464 8.27 -7.97 14.05
N SER A 465 8.95 -7.13 13.29
CA SER A 465 10.09 -6.42 13.81
C SER A 465 9.92 -4.92 13.78
N PHE A 466 11.09 -4.24 13.83
CA PHE A 466 11.14 -2.80 13.87
C PHE A 466 10.47 -2.15 12.67
N GLU A 467 10.81 -2.64 11.53
CA GLU A 467 10.22 -2.14 10.31
C GLU A 467 8.72 -2.26 10.25
N GLN A 468 8.16 -3.35 10.82
CA GLN A 468 6.72 -3.54 10.90
C GLN A 468 6.06 -2.48 11.81
N LEU A 469 6.68 -2.20 12.96
CA LEU A 469 6.14 -1.20 13.85
C LEU A 469 6.00 0.14 13.11
N CYS A 470 7.03 0.45 12.36
CA CYS A 470 7.14 1.63 11.61
C CYS A 470 5.95 1.79 10.67
N ILE A 471 5.85 0.88 9.74
CA ILE A 471 4.79 0.90 8.76
C ILE A 471 3.43 0.83 9.43
N ASN A 472 3.38 0.14 10.56
CA ASN A 472 2.15 0.01 11.35
C ASN A 472 1.75 1.31 12.03
N TYR A 473 2.80 2.07 12.34
CA TYR A 473 2.68 3.37 12.94
C TYR A 473 2.11 4.33 11.94
N THR A 474 2.66 4.27 10.73
CA THR A 474 2.19 5.09 9.58
C THR A 474 0.70 4.82 9.30
N ASN A 475 0.35 3.54 9.30
CA ASN A 475 -1.02 3.15 9.08
C ASN A 475 -1.99 3.66 10.16
N GLU A 476 -1.56 3.74 11.44
CA GLU A 476 -2.42 4.29 12.47
C GLU A 476 -2.79 5.68 12.09
N LYS A 477 -1.77 6.42 11.64
CA LYS A 477 -1.97 7.83 11.23
C LYS A 477 -2.79 7.96 9.99
N LEU A 478 -2.58 7.07 9.01
CA LEU A 478 -3.38 7.15 7.81
C LEU A 478 -4.84 6.85 8.11
N GLN A 479 -5.08 5.86 8.98
CA GLN A 479 -6.43 5.45 9.33
C GLN A 479 -7.16 6.52 10.12
N GLN A 480 -6.42 7.21 10.95
CA GLN A 480 -6.97 8.29 11.75
C GLN A 480 -7.38 9.44 10.79
N PHE A 481 -6.51 9.64 9.79
CA PHE A 481 -6.67 10.63 8.75
C PHE A 481 -7.97 10.34 7.96
N PHE A 482 -8.14 9.09 7.53
CA PHE A 482 -9.37 8.71 6.87
C PHE A 482 -10.60 9.02 7.76
N ASN A 483 -10.53 8.53 8.99
CA ASN A 483 -11.60 8.74 9.92
C ASN A 483 -11.99 10.18 10.07
N HIS A 484 -10.99 11.05 10.22
CA HIS A 484 -11.30 12.46 10.36
C HIS A 484 -11.95 12.97 9.10
N HIS A 485 -11.37 12.61 7.98
CA HIS A 485 -11.92 12.99 6.72
C HIS A 485 -13.34 12.45 6.51
N MET A 486 -13.61 11.22 6.95
CA MET A 486 -14.95 10.64 6.75
C MET A 486 -16.00 11.40 7.55
N PHE A 487 -15.55 11.90 8.68
CA PHE A 487 -16.33 12.69 9.59
C PHE A 487 -16.84 13.97 8.95
N LYS A 488 -15.90 14.71 8.42
CA LYS A 488 -16.24 16.01 7.85
C LYS A 488 -17.16 15.85 6.64
N LEU A 489 -16.77 14.96 5.74
CA LEU A 489 -17.55 14.72 4.51
C LEU A 489 -18.98 14.24 4.82
N GLU A 490 -19.14 13.39 5.75
CA GLU A 490 -20.48 12.91 6.06
C GLU A 490 -21.32 14.05 6.66
N GLN A 491 -20.66 14.87 7.46
CA GLN A 491 -21.29 16.04 8.12
C GLN A 491 -21.82 17.02 7.07
N GLU A 492 -20.94 17.41 6.17
CA GLU A 492 -21.22 18.28 5.03
C GLU A 492 -22.45 17.80 4.28
N GLU A 493 -22.33 16.58 3.81
CA GLU A 493 -23.38 15.93 3.04
C GLU A 493 -24.73 16.13 3.70
N TYR A 494 -24.81 15.72 4.96
CA TYR A 494 -26.04 15.84 5.74
C TYR A 494 -26.46 17.29 5.87
N LEU A 495 -25.47 18.17 5.92
CA LEU A 495 -25.77 19.58 6.07
C LEU A 495 -26.20 20.20 4.77
N LYS A 496 -25.65 19.77 3.60
CA LYS A 496 -26.08 20.27 2.30
C LYS A 496 -27.50 19.82 1.90
N GLU A 497 -28.05 18.83 2.63
CA GLU A 497 -29.38 18.31 2.32
C GLU A 497 -30.41 18.65 3.41
N LYS A 498 -29.90 19.05 4.59
CA LYS A 498 -30.69 19.43 5.75
C LYS A 498 -31.14 18.26 6.61
N ILE A 499 -30.18 17.67 7.34
CA ILE A 499 -30.47 16.53 8.19
C ILE A 499 -29.96 16.65 9.63
N ASN A 500 -29.19 15.68 10.09
CA ASN A 500 -28.70 15.67 11.46
C ASN A 500 -27.36 14.92 11.57
N LEU A 508 -14.93 8.07 18.47
CA LEU A 508 -13.50 8.29 18.18
C LEU A 508 -12.62 7.05 18.59
N ASP A 509 -11.22 7.22 18.89
CA ASP A 509 -10.30 6.07 19.30
C ASP A 509 -8.73 5.90 18.92
N SER A 510 -8.17 6.38 17.78
CA SER A 510 -6.72 6.12 17.33
C SER A 510 -5.52 6.78 18.06
N GLN A 511 -5.72 7.81 18.85
CA GLN A 511 -4.60 8.52 19.45
C GLN A 511 -3.78 7.80 20.50
N ALA A 512 -4.47 6.97 21.28
CA ALA A 512 -3.86 6.18 22.34
C ALA A 512 -2.75 5.29 21.77
N THR A 513 -3.06 4.58 20.67
CA THR A 513 -2.10 3.69 20.01
C THR A 513 -0.96 4.53 19.46
N ILE A 514 -1.31 5.64 18.87
CA ILE A 514 -0.30 6.51 18.33
C ILE A 514 0.65 7.01 19.39
N ASP A 515 0.08 7.48 20.50
CA ASP A 515 0.84 7.98 21.65
C ASP A 515 1.73 6.89 22.26
N LEU A 516 1.17 5.69 22.46
CA LEU A 516 1.97 4.61 22.99
C LEU A 516 3.25 4.47 22.17
N ILE A 517 3.11 4.70 20.88
CA ILE A 517 4.24 4.55 19.98
C ILE A 517 5.20 5.71 19.94
N ASP A 518 4.68 6.89 19.64
CA ASP A 518 5.56 8.08 19.51
C ASP A 518 5.50 9.14 20.60
N GLY A 519 4.79 8.88 21.71
CA GLY A 519 4.71 9.88 22.75
C GLY A 519 6.08 10.32 23.29
N ARG A 520 6.11 11.52 23.89
CA ARG A 520 7.33 12.06 24.45
C ARG A 520 7.33 12.02 25.95
N GLN A 521 6.25 12.46 26.53
CA GLN A 521 6.17 12.48 27.97
C GLN A 521 4.75 12.20 28.30
N PRO A 522 4.44 11.07 28.90
CA PRO A 522 5.28 9.95 29.22
C PRO A 522 5.83 9.52 27.85
N PRO A 523 6.96 8.95 27.89
CA PRO A 523 7.70 8.53 26.72
C PRO A 523 7.08 7.27 26.12
N GLY A 524 6.97 7.22 24.80
CA GLY A 524 6.40 6.08 24.13
C GLY A 524 7.45 5.03 23.76
N ILE A 525 7.04 4.05 22.97
CA ILE A 525 7.97 3.03 22.57
C ILE A 525 9.23 3.62 21.92
N LEU A 526 9.02 4.39 20.87
CA LEU A 526 10.12 5.00 20.15
C LEU A 526 11.04 5.83 21.04
N ALA A 527 10.45 6.56 21.97
CA ALA A 527 11.28 7.39 22.87
C ALA A 527 12.15 6.50 23.73
N LEU A 528 11.57 5.43 24.30
CA LEU A 528 12.41 4.59 25.12
C LEU A 528 13.47 3.95 24.27
N LEU A 529 13.13 3.63 23.03
CA LEU A 529 14.12 3.01 22.16
C LEU A 529 15.32 3.93 22.00
N ASP A 530 15.02 5.17 21.75
CA ASP A 530 16.04 6.14 21.55
C ASP A 530 16.87 6.33 22.76
N GLU A 531 16.24 6.30 23.91
CA GLU A 531 17.01 6.50 25.12
C GLU A 531 18.07 5.42 25.30
N GLN A 532 17.66 4.17 25.14
CA GLN A 532 18.57 3.05 25.25
C GLN A 532 19.65 3.16 24.22
N SER A 533 19.30 3.77 23.13
CA SER A 533 20.21 3.94 22.04
C SER A 533 21.52 4.64 22.38
N VAL A 534 21.51 5.49 23.38
CA VAL A 534 22.73 6.20 23.72
C VAL A 534 23.75 5.28 24.37
N PHE A 535 23.28 4.27 25.08
CA PHE A 535 24.12 3.32 25.78
C PHE A 535 24.68 2.17 24.97
N PRO A 536 25.94 2.33 24.62
CA PRO A 536 26.69 1.35 23.86
C PRO A 536 26.51 -0.08 24.34
N ASN A 537 26.32 -0.26 25.65
CA ASN A 537 26.21 -1.60 26.17
C ASN A 537 24.81 -2.09 26.38
N ALA A 538 23.85 -1.30 25.97
CA ALA A 538 22.48 -1.72 26.14
C ALA A 538 22.30 -2.96 25.29
N THR A 539 21.28 -3.74 25.62
CA THR A 539 20.93 -4.96 24.94
C THR A 539 19.43 -4.98 24.64
N ASP A 540 18.99 -6.03 23.93
CA ASP A 540 17.57 -6.19 23.66
C ASP A 540 16.78 -6.35 24.98
N ASN A 541 17.35 -7.13 25.91
CA ASN A 541 16.80 -7.37 27.24
C ASN A 541 16.64 -6.09 28.08
N THR A 542 17.65 -5.23 28.03
CA THR A 542 17.55 -3.99 28.78
C THR A 542 16.37 -3.22 28.22
N LEU A 543 16.32 -3.22 26.90
CA LEU A 543 15.27 -2.55 26.15
C LEU A 543 13.87 -3.10 26.47
N ILE A 544 13.62 -4.40 26.20
CA ILE A 544 12.30 -4.94 26.48
C ILE A 544 11.86 -4.76 27.94
N THR A 545 12.81 -4.90 28.86
CA THR A 545 12.51 -4.72 30.29
C THR A 545 11.95 -3.32 30.49
N LYS A 546 12.68 -2.34 29.91
CA LYS A 546 12.28 -0.95 29.96
C LYS A 546 10.87 -0.78 29.46
N LEU A 547 10.61 -1.40 28.31
CA LEU A 547 9.28 -1.35 27.70
C LEU A 547 8.20 -1.86 28.66
N HIS A 548 8.29 -3.15 29.01
CA HIS A 548 7.37 -3.79 29.96
C HIS A 548 7.27 -2.95 31.24
N SER A 549 8.44 -2.45 31.72
CA SER A 549 8.53 -1.64 32.93
C SER A 549 7.65 -0.41 32.82
N HIS A 550 7.52 0.18 31.62
CA HIS A 550 6.65 1.34 31.51
C HIS A 550 5.28 1.03 31.03
N PHE A 551 5.00 -0.18 30.49
CA PHE A 551 3.64 -0.36 29.91
C PHE A 551 2.84 -1.57 30.35
N SER A 552 3.56 -2.60 30.77
CA SER A 552 2.86 -3.81 31.18
C SER A 552 1.89 -3.54 32.31
N LYS A 553 0.58 -3.73 32.06
CA LYS A 553 -0.47 -3.46 33.07
C LYS A 553 -0.65 -1.96 33.33
N LYS A 554 0.04 -1.14 32.57
CA LYS A 554 0.01 0.28 32.76
C LYS A 554 -0.67 0.99 31.59
N ASN A 555 -0.33 0.55 30.39
CA ASN A 555 -0.93 1.05 29.18
C ASN A 555 -1.86 -0.01 28.60
N ALA A 556 -3.13 0.37 28.36
CA ALA A 556 -4.18 -0.52 27.85
C ALA A 556 -4.01 -0.99 26.40
N LYS A 557 -3.06 -0.37 25.71
CA LYS A 557 -2.79 -0.73 24.34
C LYS A 557 -1.57 -1.66 24.31
N TYR A 558 -1.02 -1.92 25.47
CA TYR A 558 0.18 -2.72 25.53
C TYR A 558 0.01 -4.04 26.22
N GLU A 559 0.74 -5.07 25.75
CA GLU A 559 0.67 -6.38 26.37
C GLU A 559 2.01 -7.08 26.49
N GLU A 560 2.37 -7.38 27.73
CA GLU A 560 3.59 -8.16 27.98
C GLU A 560 3.19 -9.64 27.85
N PRO A 561 3.91 -10.37 27.03
CA PRO A 561 3.61 -11.76 26.77
C PRO A 561 3.66 -12.64 27.98
N ARG A 562 2.77 -13.63 27.95
CA ARG A 562 2.65 -14.61 28.99
C ARG A 562 3.96 -15.34 29.26
N PHE A 563 4.74 -15.65 28.22
CA PHE A 563 5.95 -16.40 28.46
C PHE A 563 7.14 -15.89 27.69
N SER A 564 6.92 -15.41 26.46
CA SER A 564 8.03 -14.92 25.65
C SER A 564 8.73 -13.75 26.35
N LYS A 565 10.05 -13.76 26.33
CA LYS A 565 10.88 -12.73 26.93
C LYS A 565 11.42 -11.72 25.93
N THR A 566 11.09 -11.90 24.64
CA THR A 566 11.62 -11.05 23.60
C THR A 566 10.62 -10.30 22.79
N GLU A 567 9.36 -10.47 23.13
CA GLU A 567 8.29 -9.82 22.42
C GLU A 567 7.33 -9.03 23.30
N PHE A 568 6.48 -8.25 22.61
CA PHE A 568 5.43 -7.48 23.25
C PHE A 568 4.45 -7.13 22.19
N GLY A 569 3.24 -6.86 22.62
CA GLY A 569 2.24 -6.53 21.66
C GLY A 569 1.66 -5.18 21.88
N VAL A 570 1.13 -4.68 20.75
CA VAL A 570 0.43 -3.42 20.71
C VAL A 570 -0.89 -3.63 20.04
N THR A 571 -1.90 -2.99 20.61
CA THR A 571 -3.20 -3.07 20.02
C THR A 571 -3.32 -1.97 18.97
N HIS A 572 -3.39 -2.43 17.74
CA HIS A 572 -3.49 -1.56 16.64
C HIS A 572 -4.92 -1.54 16.18
N TYR A 573 -5.20 -0.58 15.29
CA TYR A 573 -6.51 -0.45 14.71
C TYR A 573 -6.97 -1.77 14.14
N ALA A 574 -6.01 -2.46 13.54
CA ALA A 574 -6.23 -3.69 12.85
C ALA A 574 -6.36 -4.87 13.80
N GLY A 575 -5.87 -4.64 15.01
CA GLY A 575 -5.88 -5.64 16.05
C GLY A 575 -4.49 -5.75 16.70
N GLN A 576 -4.34 -6.74 17.54
CA GLN A 576 -3.08 -6.92 18.21
C GLN A 576 -1.98 -7.47 17.32
N VAL A 577 -0.82 -6.81 17.41
CA VAL A 577 0.36 -7.21 16.71
C VAL A 577 1.44 -7.51 17.73
N MET A 578 2.08 -8.67 17.58
CA MET A 578 3.19 -9.04 18.46
C MET A 578 4.48 -8.76 17.78
N TYR A 579 5.30 -7.96 18.50
CA TYR A 579 6.63 -7.55 18.08
C TYR A 579 7.70 -8.22 18.90
N GLU A 580 8.81 -8.42 18.19
CA GLU A 580 10.05 -9.02 18.59
C GLU A 580 11.08 -7.92 18.59
N ILE A 581 11.80 -7.87 19.68
CA ILE A 581 12.77 -6.83 19.93
C ILE A 581 14.14 -7.03 19.37
N GLN A 582 14.46 -8.25 19.00
CA GLN A 582 15.82 -8.52 18.54
C GLN A 582 16.42 -7.55 17.59
N ASP A 583 17.61 -7.05 17.95
CA ASP A 583 18.36 -6.08 17.15
C ASP A 583 17.79 -4.69 16.99
N TRP A 584 16.70 -4.41 17.67
CA TRP A 584 16.19 -3.08 17.49
C TRP A 584 17.23 -2.02 17.72
N LEU A 585 18.03 -2.16 18.82
CA LEU A 585 19.06 -1.17 19.16
C LEU A 585 19.99 -0.93 18.00
N GLU A 586 20.32 -2.00 17.36
CA GLU A 586 21.20 -1.85 16.26
C GLU A 586 20.50 -1.19 15.09
N LYS A 587 19.24 -1.57 14.85
CA LYS A 587 18.52 -0.98 13.73
C LYS A 587 18.31 0.51 13.92
N ASN A 588 18.17 0.90 15.17
CA ASN A 588 17.89 2.30 15.47
C ASN A 588 19.05 3.18 15.23
N LYS A 589 20.23 2.62 15.36
CA LYS A 589 21.45 3.37 15.16
C LYS A 589 22.00 3.18 13.77
N ASP A 590 21.82 1.99 13.26
CA ASP A 590 22.26 1.71 11.93
C ASP A 590 23.73 2.04 11.74
N PRO A 591 24.56 1.59 12.67
CA PRO A 591 25.99 1.89 12.65
C PRO A 591 26.81 1.42 11.45
N LEU A 592 27.86 2.21 11.18
CA LEU A 592 28.88 1.92 10.18
C LEU A 592 30.21 2.47 10.69
N GLN A 593 31.18 1.59 10.88
CA GLN A 593 32.54 1.90 11.36
C GLN A 593 33.12 3.15 10.72
N GLN A 594 33.59 4.09 11.54
CA GLN A 594 34.12 5.33 11.01
C GLN A 594 35.17 5.15 9.92
N ASP A 595 36.14 4.27 10.18
CA ASP A 595 37.18 4.03 9.18
C ASP A 595 36.58 3.54 7.90
N LEU A 596 35.40 2.96 7.97
CA LEU A 596 34.82 2.53 6.70
C LEU A 596 34.41 3.78 5.92
N GLU A 597 33.90 4.75 6.66
CA GLU A 597 33.48 6.00 6.07
C GLU A 597 34.60 6.74 5.45
N LEU A 598 35.74 6.65 6.16
CA LEU A 598 36.97 7.30 5.74
C LEU A 598 37.58 6.68 4.49
N CYS A 599 37.46 5.37 4.45
CA CYS A 599 37.97 4.63 3.31
C CYS A 599 37.24 5.13 2.09
N PHE A 600 35.93 4.96 2.14
CA PHE A 600 35.10 5.33 1.04
C PHE A 600 35.05 6.81 0.68
N LYS A 601 35.32 7.70 1.64
CA LYS A 601 35.30 9.14 1.41
C LYS A 601 36.37 9.56 0.40
N ASP A 602 37.36 8.70 0.26
CA ASP A 602 38.49 8.94 -0.62
C ASP A 602 38.30 8.24 -1.95
N SER A 603 37.11 7.75 -2.18
CA SER A 603 36.86 7.01 -3.40
C SER A 603 37.28 7.82 -4.60
N SER A 604 37.77 7.11 -5.62
CA SER A 604 38.12 7.78 -6.84
C SER A 604 36.92 7.81 -7.74
N ASP A 605 35.85 7.10 -7.35
CA ASP A 605 34.65 7.09 -8.15
C ASP A 605 33.82 8.32 -7.94
N ASN A 606 33.30 8.82 -9.03
CA ASN A 606 32.52 10.01 -8.95
C ASN A 606 31.21 9.99 -8.24
N VAL A 607 30.62 8.81 -8.20
CA VAL A 607 29.35 8.65 -7.53
C VAL A 607 29.60 8.29 -6.08
N VAL A 608 30.56 7.39 -5.91
CA VAL A 608 30.93 6.95 -4.60
C VAL A 608 31.22 8.10 -3.65
N THR A 609 31.96 9.06 -4.14
CA THR A 609 32.32 10.23 -3.35
C THR A 609 31.11 10.90 -2.76
N LYS A 610 30.08 11.05 -3.61
CA LYS A 610 28.79 11.62 -3.21
C LYS A 610 28.14 10.85 -2.08
N LEU A 611 28.14 9.52 -2.14
CA LEU A 611 27.50 8.72 -1.10
C LEU A 611 28.13 8.89 0.28
N PHE A 612 29.42 9.22 0.28
CA PHE A 612 30.15 9.38 1.53
C PHE A 612 30.47 10.82 1.91
N ASN A 613 30.44 11.71 0.91
CA ASN A 613 30.76 13.12 1.16
C ASN A 613 29.57 14.08 1.26
N ASP A 614 28.41 13.68 0.77
CA ASP A 614 27.24 14.53 0.84
C ASP A 614 26.35 14.21 2.04
N PRO A 615 26.49 15.03 3.06
CA PRO A 615 25.79 14.87 4.30
C PRO A 615 24.31 14.60 4.11
N ASN A 616 23.81 14.99 2.96
CA ASN A 616 22.40 14.77 2.71
C ASN A 616 22.08 13.31 2.41
N ILE A 617 23.13 12.59 2.01
CA ILE A 617 23.12 11.19 1.61
C ILE A 617 23.84 10.28 2.63
N ALA A 618 24.95 10.73 3.14
CA ALA A 618 25.69 9.93 4.08
C ALA A 618 25.18 9.98 5.53
N SER A 619 24.20 10.86 5.85
CA SER A 619 23.69 10.98 7.23
C SER A 619 22.20 11.31 7.28
N ARG A 620 21.69 11.14 8.50
CA ARG A 620 20.33 11.38 8.88
C ARG A 620 20.08 12.84 9.31
N ALA A 621 20.78 13.29 10.32
CA ALA A 621 20.53 14.63 10.81
C ALA A 621 21.82 15.37 11.00
N ASN A 626 24.14 14.24 18.64
CA ASN A 626 24.07 15.06 17.44
C ASN A 626 23.11 14.56 16.42
N PHE A 627 23.49 13.64 15.57
CA PHE A 627 22.54 13.11 14.59
C PHE A 627 21.45 12.34 15.30
N ILE A 628 20.36 12.27 14.62
CA ILE A 628 19.13 11.62 15.10
C ILE A 628 19.10 10.14 14.73
N THR A 629 18.30 9.34 15.52
CA THR A 629 18.15 7.94 15.32
C THR A 629 17.26 7.63 14.12
N VAL A 630 17.16 6.35 13.78
CA VAL A 630 16.37 5.89 12.66
C VAL A 630 14.87 6.08 12.95
N ALA A 631 14.53 5.94 14.23
CA ALA A 631 13.19 6.13 14.75
C ALA A 631 12.80 7.57 14.71
N ALA A 632 13.74 8.41 15.08
CA ALA A 632 13.44 9.82 15.14
C ALA A 632 13.21 10.36 13.74
N GLN A 633 13.97 9.80 12.83
CA GLN A 633 13.84 10.20 11.46
C GLN A 633 12.55 9.68 10.85
N TYR A 634 12.14 8.48 11.24
CA TYR A 634 10.93 7.93 10.69
C TYR A 634 9.77 8.78 11.14
N LYS A 635 9.80 9.07 12.42
CA LYS A 635 8.73 9.90 12.97
C LYS A 635 8.64 11.25 12.22
N GLU A 636 9.78 11.82 12.08
CA GLU A 636 9.88 13.09 11.43
C GLU A 636 9.39 13.01 10.00
N GLN A 637 9.80 12.01 9.28
CA GLN A 637 9.34 11.95 7.94
C GLN A 637 7.87 11.63 7.85
N LEU A 638 7.35 10.94 8.83
CA LEU A 638 5.94 10.65 8.78
C LEU A 638 5.16 11.94 9.05
N ALA A 639 5.64 12.73 10.02
CA ALA A 639 4.91 13.97 10.30
C ALA A 639 4.82 14.88 9.07
N SER A 640 5.94 14.98 8.36
CA SER A 640 5.97 15.83 7.16
C SER A 640 4.95 15.39 6.15
N LEU A 641 4.92 14.09 5.96
CA LEU A 641 4.05 13.43 5.06
C LEU A 641 2.62 13.78 5.40
N MET A 642 2.29 13.58 6.66
CA MET A 642 0.96 13.84 7.11
C MET A 642 0.61 15.31 6.92
N ALA A 643 1.61 16.14 7.18
CA ALA A 643 1.41 17.59 7.05
C ALA A 643 0.92 17.93 5.65
N THR A 644 1.63 17.35 4.67
CA THR A 644 1.33 17.52 3.26
C THR A 644 -0.07 17.04 2.90
N LEU A 645 -0.32 15.80 3.20
CA LEU A 645 -1.60 15.21 2.95
C LEU A 645 -2.72 16.08 3.48
N GLU A 646 -2.47 16.64 4.66
CA GLU A 646 -3.40 17.49 5.39
C GLU A 646 -3.87 18.63 4.54
N THR A 647 -2.94 19.12 3.73
CA THR A 647 -3.24 20.22 2.83
C THR A 647 -3.90 19.76 1.54
N THR A 648 -4.26 18.50 1.40
CA THR A 648 -4.84 18.11 0.13
C THR A 648 -6.25 17.59 0.27
N ASN A 649 -6.92 17.42 -0.89
CA ASN A 649 -8.20 16.77 -0.85
C ASN A 649 -7.84 15.30 -1.14
N PRO A 650 -8.07 14.38 -0.20
CA PRO A 650 -7.62 13.02 -0.40
C PRO A 650 -8.66 12.09 -1.04
N HIS A 651 -8.12 11.05 -1.63
CA HIS A 651 -8.87 9.98 -2.28
C HIS A 651 -8.26 8.67 -1.83
N PHE A 652 -9.10 7.71 -1.47
CA PHE A 652 -8.59 6.45 -0.92
C PHE A 652 -8.87 5.21 -1.73
N VAL A 653 -7.79 4.48 -2.04
CA VAL A 653 -7.85 3.23 -2.78
C VAL A 653 -7.38 2.08 -1.93
N ARG A 654 -8.24 1.06 -1.77
CA ARG A 654 -7.88 -0.13 -1.03
C ARG A 654 -7.72 -1.29 -1.98
N CYS A 655 -6.48 -1.66 -2.17
CA CYS A 655 -6.09 -2.79 -3.00
C CYS A 655 -6.15 -4.03 -2.12
N ILE A 656 -6.87 -5.03 -2.62
CA ILE A 656 -7.11 -6.24 -1.88
C ILE A 656 -6.61 -7.48 -2.62
N ILE A 657 -6.06 -8.42 -1.91
CA ILE A 657 -5.57 -9.65 -2.44
C ILE A 657 -6.66 -10.74 -2.27
N PRO A 658 -7.14 -11.35 -3.39
CA PRO A 658 -8.21 -12.35 -3.38
C PRO A 658 -7.85 -13.62 -2.60
N ASN A 659 -6.56 -13.94 -2.55
CA ASN A 659 -6.06 -15.14 -1.87
C ASN A 659 -4.58 -15.03 -1.73
N ASN A 660 -3.99 -16.00 -1.04
CA ASN A 660 -2.55 -16.08 -0.79
C ASN A 660 -1.72 -16.91 -1.78
N LYS A 661 -2.31 -17.29 -2.90
CA LYS A 661 -1.59 -18.09 -3.85
C LYS A 661 -1.36 -17.47 -5.19
N GLN A 662 -1.62 -16.16 -5.37
CA GLN A 662 -1.40 -15.59 -6.69
C GLN A 662 -2.18 -16.31 -7.85
N LEU A 663 -3.38 -16.79 -7.53
CA LEU A 663 -4.31 -17.47 -8.43
C LEU A 663 -5.51 -16.60 -8.79
N PRO A 664 -5.94 -16.64 -10.05
CA PRO A 664 -7.13 -15.90 -10.50
C PRO A 664 -8.36 -16.73 -10.23
N ALA A 665 -9.53 -16.14 -10.30
CA ALA A 665 -10.75 -16.88 -10.11
C ALA A 665 -10.81 -17.63 -8.79
N LYS A 666 -10.26 -17.04 -7.74
CA LYS A 666 -10.22 -17.70 -6.44
C LYS A 666 -10.26 -16.70 -5.30
N LEU A 667 -11.44 -16.15 -5.11
CA LEU A 667 -11.71 -15.17 -4.10
C LEU A 667 -12.09 -15.85 -2.79
N GLU A 668 -11.17 -15.80 -1.80
CA GLU A 668 -11.36 -16.46 -0.50
C GLU A 668 -11.96 -15.52 0.56
N ASP A 669 -13.18 -15.83 0.95
CA ASP A 669 -13.94 -15.08 1.93
C ASP A 669 -13.12 -14.68 3.14
N LYS A 670 -12.35 -15.61 3.70
CA LYS A 670 -11.57 -15.28 4.89
C LYS A 670 -10.41 -14.42 4.55
N VAL A 671 -9.77 -14.70 3.45
CA VAL A 671 -8.64 -13.86 3.09
C VAL A 671 -9.10 -12.42 2.90
N VAL A 672 -10.11 -12.29 2.08
CA VAL A 672 -10.65 -11.00 1.72
C VAL A 672 -11.18 -10.23 2.93
N LEU A 673 -12.02 -10.90 3.72
CA LEU A 673 -12.70 -10.30 4.86
C LEU A 673 -11.77 -9.79 5.91
N ASP A 674 -10.62 -10.41 5.99
CA ASP A 674 -9.64 -10.01 6.98
C ASP A 674 -8.96 -8.76 6.49
N GLN A 675 -8.86 -8.66 5.18
CA GLN A 675 -8.33 -7.44 4.62
C GLN A 675 -9.33 -6.27 4.81
N LEU A 676 -10.60 -6.53 4.59
CA LEU A 676 -11.59 -5.45 4.73
C LEU A 676 -11.75 -5.06 6.20
N ARG A 677 -11.50 -6.02 7.08
CA ARG A 677 -11.58 -5.73 8.49
C ARG A 677 -10.46 -4.73 8.85
N CYS A 678 -9.22 -5.04 8.51
CA CYS A 678 -8.10 -4.22 8.87
C CYS A 678 -7.95 -2.94 8.13
N ASN A 679 -8.55 -2.81 6.98
CA ASN A 679 -8.25 -1.63 6.21
C ASN A 679 -9.23 -0.48 6.30
N GLY A 680 -10.16 -0.55 7.26
CA GLY A 680 -11.14 0.52 7.44
C GLY A 680 -12.44 0.34 6.68
N VAL A 681 -12.47 -0.53 5.62
CA VAL A 681 -13.70 -0.69 4.83
C VAL A 681 -14.95 -1.10 5.61
N LEU A 682 -14.88 -2.21 6.39
CA LEU A 682 -16.04 -2.69 7.17
C LEU A 682 -16.40 -1.71 8.25
N GLU A 683 -15.37 -1.08 8.88
CA GLU A 683 -15.69 -0.07 9.89
C GLU A 683 -16.57 1.01 9.27
N GLY A 684 -16.07 1.51 8.17
CA GLY A 684 -16.71 2.57 7.45
C GLY A 684 -18.17 2.30 7.24
N ILE A 685 -18.41 1.06 6.83
CA ILE A 685 -19.73 0.58 6.55
C ILE A 685 -20.55 0.49 7.82
N ARG A 686 -19.94 -0.09 8.86
CA ARG A 686 -20.67 -0.22 10.09
C ARG A 686 -21.24 1.14 10.50
N ILE A 687 -20.35 2.11 10.52
CA ILE A 687 -20.66 3.48 10.87
C ILE A 687 -21.77 4.06 10.02
N THR A 688 -21.59 3.91 8.73
CA THR A 688 -22.49 4.41 7.74
C THR A 688 -23.89 3.79 7.85
N ARG A 689 -23.90 2.48 8.03
CA ARG A 689 -25.12 1.72 8.17
C ARG A 689 -25.98 2.20 9.34
N LYS A 690 -25.32 2.71 10.37
CA LYS A 690 -26.00 3.20 11.56
C LYS A 690 -26.90 4.42 11.38
N GLY A 691 -26.68 5.25 10.34
CA GLY A 691 -27.51 6.42 10.09
C GLY A 691 -28.44 6.24 8.88
N PHE A 692 -28.14 6.94 7.78
CA PHE A 692 -28.92 6.90 6.54
C PHE A 692 -27.98 6.60 5.40
N PRO A 693 -27.70 5.30 5.27
CA PRO A 693 -26.80 4.73 4.29
C PRO A 693 -27.25 4.94 2.86
N ASN A 694 -28.55 4.82 2.67
CA ASN A 694 -29.08 4.97 1.34
C ASN A 694 -29.62 6.35 1.21
N ARG A 695 -29.15 6.98 0.15
CA ARG A 695 -29.47 8.34 -0.23
C ARG A 695 -29.68 8.42 -1.74
N ILE A 696 -30.94 8.47 -2.12
CA ILE A 696 -31.29 8.47 -3.51
C ILE A 696 -31.90 9.75 -4.01
N ILE A 697 -31.66 9.99 -5.29
CA ILE A 697 -32.21 11.13 -5.99
C ILE A 697 -33.68 10.84 -6.25
N TYR A 698 -34.51 11.81 -5.91
CA TYR A 698 -35.95 11.72 -6.02
C TYR A 698 -36.41 11.09 -7.33
N ALA A 699 -36.03 11.73 -8.44
CA ALA A 699 -36.38 11.29 -9.77
C ALA A 699 -36.07 9.83 -9.91
N ASP A 700 -34.85 9.48 -9.45
CA ASP A 700 -34.32 8.12 -9.48
C ASP A 700 -35.26 7.14 -8.79
N PHE A 701 -35.56 7.47 -7.55
CA PHE A 701 -36.46 6.66 -6.78
C PHE A 701 -37.79 6.38 -7.50
N VAL A 702 -38.46 7.45 -7.94
CA VAL A 702 -39.75 7.35 -8.64
C VAL A 702 -39.67 6.55 -9.92
N LYS A 703 -38.55 6.70 -10.57
CA LYS A 703 -38.40 6.05 -11.83
C LYS A 703 -38.43 4.55 -11.71
N ARG A 704 -38.06 4.03 -10.53
CA ARG A 704 -38.05 2.59 -10.32
C ARG A 704 -39.27 2.09 -9.58
N TYR A 705 -39.89 2.98 -8.77
CA TYR A 705 -40.91 2.44 -7.88
C TYR A 705 -42.31 2.99 -8.16
N TYR A 706 -42.39 3.96 -9.02
CA TYR A 706 -43.68 4.62 -9.33
C TYR A 706 -44.86 3.60 -9.33
N LEU A 707 -44.68 2.49 -10.04
CA LEU A 707 -45.72 1.44 -10.18
C LEU A 707 -46.11 0.76 -8.84
N LEU A 708 -45.52 1.20 -7.73
CA LEU A 708 -45.86 0.60 -6.42
C LEU A 708 -47.06 1.35 -5.78
N ALA A 709 -47.31 2.55 -6.24
CA ALA A 709 -48.45 3.31 -5.70
C ALA A 709 -49.42 3.68 -6.81
N PRO A 710 -50.69 3.62 -6.43
CA PRO A 710 -51.76 3.93 -7.33
C PRO A 710 -51.82 5.42 -7.37
N ASN A 711 -50.93 6.04 -8.15
CA ASN A 711 -50.89 7.49 -8.16
C ASN A 711 -49.89 8.06 -9.14
N VAL A 712 -48.64 7.58 -8.97
CA VAL A 712 -47.48 8.08 -9.67
C VAL A 712 -47.15 7.50 -11.01
N PRO A 713 -46.57 8.39 -11.82
CA PRO A 713 -46.12 8.11 -13.16
C PRO A 713 -44.60 8.18 -13.18
N ARG A 714 -43.95 7.24 -13.89
CA ARG A 714 -42.48 7.15 -13.97
C ARG A 714 -41.75 8.46 -13.87
N ASP A 715 -41.90 9.30 -14.90
CA ASP A 715 -41.24 10.60 -14.95
C ASP A 715 -42.17 11.73 -14.60
N ALA A 716 -42.17 12.12 -13.32
CA ALA A 716 -42.99 13.20 -12.81
C ALA A 716 -42.13 14.41 -12.48
N GLU A 717 -42.71 15.60 -12.57
CA GLU A 717 -41.93 16.79 -12.27
C GLU A 717 -41.67 17.02 -10.79
N ASP A 718 -42.64 16.67 -9.97
CA ASP A 718 -42.46 16.81 -8.54
C ASP A 718 -42.04 15.50 -7.97
N SER A 719 -40.76 15.24 -8.16
CA SER A 719 -40.16 13.98 -7.79
C SER A 719 -40.21 13.76 -6.31
N GLN A 720 -40.09 14.87 -5.61
CA GLN A 720 -40.09 14.83 -4.17
C GLN A 720 -41.46 14.46 -3.59
N LYS A 721 -42.47 14.97 -4.28
CA LYS A 721 -43.87 14.76 -3.96
C LYS A 721 -44.22 13.35 -4.36
N ALA A 722 -43.71 12.98 -5.54
CA ALA A 722 -43.95 11.67 -6.08
C ALA A 722 -43.38 10.61 -5.13
N THR A 723 -42.24 10.95 -4.51
CA THR A 723 -41.58 10.03 -3.59
C THR A 723 -42.45 9.77 -2.38
N ASP A 724 -42.90 10.86 -1.80
CA ASP A 724 -43.77 10.83 -0.63
C ASP A 724 -45.01 10.00 -0.90
N ALA A 725 -45.50 10.08 -2.14
CA ALA A 725 -46.69 9.36 -2.55
C ALA A 725 -46.56 7.87 -2.34
N VAL A 726 -45.52 7.30 -2.97
CA VAL A 726 -45.22 5.87 -2.88
C VAL A 726 -45.06 5.50 -1.42
N LEU A 727 -44.18 6.27 -0.77
CA LEU A 727 -43.88 6.08 0.62
C LEU A 727 -45.15 6.03 1.44
N LYS A 728 -45.95 7.06 1.24
CA LYS A 728 -47.22 7.14 1.89
C LYS A 728 -48.05 5.94 1.53
N HIS A 729 -48.15 5.69 0.23
CA HIS A 729 -48.91 4.57 -0.24
C HIS A 729 -48.57 3.30 0.50
N LEU A 730 -47.27 3.05 0.48
CA LEU A 730 -46.65 1.90 1.09
C LEU A 730 -46.72 1.94 2.60
N ASN A 731 -47.17 3.06 3.13
CA ASN A 731 -47.29 3.23 4.56
C ASN A 731 -45.97 2.97 5.32
N ILE A 732 -44.87 3.47 4.77
CA ILE A 732 -43.55 3.28 5.36
C ILE A 732 -43.39 4.02 6.67
N ASP A 733 -42.54 3.51 7.58
CA ASP A 733 -42.31 4.19 8.85
C ASP A 733 -41.49 5.44 8.64
N PRO A 734 -42.10 6.55 8.97
CA PRO A 734 -41.49 7.87 8.88
C PRO A 734 -40.07 7.96 9.46
N GLU A 735 -39.74 7.24 10.56
CA GLU A 735 -38.40 7.36 11.11
C GLU A 735 -37.39 6.62 10.28
N GLN A 736 -37.91 5.83 9.32
CA GLN A 736 -37.02 5.06 8.47
C GLN A 736 -36.47 5.86 7.31
N TYR A 737 -37.05 7.01 7.12
CA TYR A 737 -36.53 7.84 6.07
C TYR A 737 -36.59 9.31 6.44
N ARG A 738 -35.71 9.95 5.50
CA ARG A 738 -35.49 11.37 5.68
C ARG A 738 -35.49 12.12 4.36
N PHE A 739 -36.42 13.08 4.25
CA PHE A 739 -36.57 13.89 3.06
C PHE A 739 -35.47 14.91 2.95
N GLY A 740 -34.60 14.71 1.99
CA GLY A 740 -33.53 15.64 1.82
C GLY A 740 -33.86 16.65 0.72
N ILE A 741 -33.02 17.66 0.61
CA ILE A 741 -33.16 18.68 -0.37
C ILE A 741 -33.18 18.15 -1.80
N THR A 742 -32.38 17.13 -2.04
CA THR A 742 -32.30 16.54 -3.36
C THR A 742 -32.23 15.03 -3.30
N LYS A 743 -32.38 14.51 -2.10
CA LYS A 743 -32.33 13.07 -1.95
C LYS A 743 -33.24 12.55 -0.88
N ILE A 744 -33.66 11.33 -1.12
CA ILE A 744 -34.39 10.68 -0.09
C ILE A 744 -33.39 9.81 0.64
N PHE A 745 -33.26 10.02 1.93
CA PHE A 745 -32.34 9.27 2.75
C PHE A 745 -33.06 8.14 3.41
N PHE A 746 -32.48 6.96 3.33
CA PHE A 746 -33.07 5.77 3.90
C PHE A 746 -32.14 5.13 4.88
N ARG A 747 -32.73 4.57 5.92
CA ARG A 747 -31.99 3.84 6.91
C ARG A 747 -31.82 2.44 6.39
N ALA A 748 -30.96 1.70 7.09
CA ALA A 748 -30.70 0.31 6.75
C ALA A 748 -31.98 -0.53 6.63
N GLY A 749 -31.99 -1.39 5.59
CA GLY A 749 -33.07 -2.32 5.31
C GLY A 749 -34.31 -1.73 4.70
N GLN A 750 -34.52 -0.46 4.90
CA GLN A 750 -35.74 0.15 4.38
C GLN A 750 -35.99 -0.09 2.87
N LEU A 751 -35.04 0.34 2.10
CA LEU A 751 -35.07 0.26 0.64
C LEU A 751 -35.22 -1.18 0.17
N ALA A 752 -34.74 -2.10 0.96
CA ALA A 752 -34.80 -3.50 0.54
C ALA A 752 -36.24 -3.92 0.59
N ARG A 753 -36.87 -3.58 1.70
CA ARG A 753 -38.26 -3.88 1.91
C ARG A 753 -39.11 -3.30 0.78
N ILE A 754 -38.92 -2.02 0.56
CA ILE A 754 -39.59 -1.30 -0.48
C ILE A 754 -39.45 -2.02 -1.82
N GLU A 755 -38.21 -2.41 -2.09
CA GLU A 755 -37.89 -3.13 -3.29
C GLU A 755 -38.82 -4.33 -3.34
N GLU A 756 -38.94 -4.96 -2.15
CA GLU A 756 -39.72 -6.17 -1.85
C GLU A 756 -41.22 -5.99 -1.94
N ALA A 757 -41.64 -4.77 -2.24
CA ALA A 757 -43.03 -4.41 -2.39
C ALA A 757 -43.65 -4.89 -3.74
N ARG A 758 -44.97 -5.13 -3.76
CA ARG A 758 -45.67 -5.58 -4.98
C ARG A 758 -46.12 -4.41 -5.86
N GLU A 759 -46.10 -4.59 -7.19
CA GLU A 759 -46.50 -3.53 -8.13
C GLU A 759 -48.01 -3.35 -8.17
MG MG B . 4.31 -2.13 -4.69
BE NMQ C . 3.95 -4.92 -2.93
F1 NMQ C . 3.53 -4.42 -1.56
F2 NMQ C . 4.72 -3.85 -3.69
F3 NMQ C . 4.81 -6.14 -2.87
PB NMQ C . 1.74 -4.42 -4.64
OB1 NMQ C . 0.51 -4.03 -3.86
OB2 NMQ C . 2.56 -3.22 -5.09
OB3 NMQ C . 2.64 -5.36 -3.73
OA3 NMQ C . 1.31 -5.27 -5.94
PA NMQ C . 1.36 -4.94 -7.51
OA1 NMQ C . 0.74 -3.59 -7.86
OA2 NMQ C . 2.75 -4.98 -7.96
OE2 NMQ C . 0.53 -6.12 -8.19
NA3 NMQ C . -0.56 -7.94 -9.83
CA2 NMQ C . 0.83 -7.65 -9.93
CA1 NMQ C . 1.30 -7.28 -8.55
C1 NMQ C . -0.87 -8.75 -10.83
C6 NMQ C . -1.81 -8.20 -11.75
C5 NMQ C . -2.20 -9.01 -12.81
C4 NMQ C . -1.72 -10.35 -12.96
C3 NMQ C . -0.86 -10.89 -12.02
C2 NMQ C . -0.44 -10.06 -10.95
N2 NMQ C . 0.46 -10.65 -9.95
O2A NMQ C . 0.81 -11.79 -10.11
O2B NMQ C . 0.76 -10.06 -8.95
CA3 NMQ C . -1.36 -6.81 -9.92
#